data_1NKV
#
_entry.id   1NKV
#
_cell.length_a   59.968
_cell.length_b   54.418
_cell.length_c   118.325
_cell.angle_alpha   90.00
_cell.angle_beta   99.83
_cell.angle_gamma   90.00
#
_symmetry.space_group_name_H-M   'P 1 21 1'
#
loop_
_entity.id
_entity.type
_entity.pdbx_description
1 polymer 'HYPOTHETICAL PROTEIN yjhP'
2 water water
#
_entity_poly.entity_id   1
_entity_poly.type   'polypeptide(L)'
_entity_poly.pdbx_seq_one_letter_code
;(MSE)DIPRIFTISESEHRIHNPFTEEKYATLGRVLR(MSE)KPGTRILDLGSGSGE(MSE)LCTWARDHGITGTGID
(MSE)SSLFTAQAKRRAEELGVSERVHFIHNDAAGYVANEKCDVAACVGATWIAGGFAGAEELLAQSLKPGGI(MSE)LI
GEPYWRQLPATEEIAQACGVSSTSDFLTLPGLVGAFDDLGYDVVE(MSE)VLADQEGWDRYEAAKWLT(MSE)RRWLEAN
PDDDFAAEVRAELNIAPKRYVTYARECFGWGVFALIARLEHHHHHH
;
_entity_poly.pdbx_strand_id   A,B,C
#
# COMPACT_ATOMS: atom_id res chain seq x y z
N PRO A 4 5.89 -20.32 -23.68
CA PRO A 4 6.87 -21.27 -23.11
C PRO A 4 6.22 -22.16 -22.06
N ARG A 5 7.01 -23.00 -21.41
CA ARG A 5 6.49 -23.87 -20.37
C ARG A 5 6.99 -23.41 -19.01
N ILE A 6 7.98 -22.53 -19.02
CA ILE A 6 8.55 -22.01 -17.79
C ILE A 6 7.48 -21.19 -17.06
N PHE A 7 6.50 -20.73 -17.82
CA PHE A 7 5.41 -19.93 -17.29
C PHE A 7 4.48 -20.80 -16.49
N THR A 8 4.19 -21.98 -17.03
CA THR A 8 3.28 -22.91 -16.38
C THR A 8 3.85 -23.48 -15.09
N ILE A 9 5.16 -23.72 -15.08
CA ILE A 9 5.86 -24.27 -13.91
C ILE A 9 5.92 -23.29 -12.75
N SER A 10 6.40 -22.08 -13.01
CA SER A 10 6.54 -21.08 -11.98
C SER A 10 5.25 -20.50 -11.43
N GLU A 11 4.18 -20.53 -12.21
CA GLU A 11 2.92 -19.99 -11.74
C GLU A 11 1.83 -21.04 -11.54
N SER A 12 2.22 -22.25 -11.18
CA SER A 12 1.25 -23.31 -10.96
C SER A 12 0.53 -23.12 -9.64
N GLU A 13 1.11 -22.38 -8.72
CA GLU A 13 0.49 -22.17 -7.43
C GLU A 13 -0.19 -20.82 -7.34
N HIS A 14 0.24 -19.89 -8.19
CA HIS A 14 -0.36 -18.57 -8.15
C HIS A 14 -1.86 -18.62 -8.23
N ARG A 15 -2.47 -17.61 -7.65
CA ARG A 15 -3.91 -17.45 -7.63
C ARG A 15 -4.23 -16.35 -8.63
N ILE A 16 -3.33 -15.38 -8.71
CA ILE A 16 -3.45 -14.24 -9.60
C ILE A 16 -2.15 -14.23 -10.39
N HIS A 17 -2.27 -14.18 -11.71
CA HIS A 17 -1.11 -14.19 -12.60
C HIS A 17 -0.65 -12.82 -13.08
N ASN A 18 -0.53 -11.88 -12.14
CA ASN A 18 -0.01 -10.55 -12.46
C ASN A 18 0.34 -9.76 -11.21
N PRO A 19 1.04 -8.62 -11.37
CA PRO A 19 1.39 -7.84 -10.18
C PRO A 19 0.21 -7.49 -9.27
N PHE A 20 -1.03 -7.68 -9.70
CA PHE A 20 -2.14 -7.34 -8.82
C PHE A 20 -2.21 -8.16 -7.53
N THR A 21 -3.00 -7.72 -6.57
CA THR A 21 -3.13 -8.49 -5.35
C THR A 21 -4.60 -8.73 -5.07
N GLU A 22 -4.87 -9.53 -4.05
CA GLU A 22 -6.24 -9.79 -3.67
C GLU A 22 -6.96 -8.45 -3.52
N GLU A 23 -6.31 -7.50 -2.85
CA GLU A 23 -6.90 -6.20 -2.60
C GLU A 23 -7.09 -5.36 -3.86
N LYS A 24 -6.10 -5.40 -4.74
CA LYS A 24 -6.18 -4.66 -5.99
C LYS A 24 -7.34 -5.17 -6.85
N TYR A 25 -7.64 -6.46 -6.80
CA TYR A 25 -8.75 -6.99 -7.60
C TYR A 25 -10.06 -6.50 -7.02
N ALA A 26 -10.17 -6.59 -5.70
CA ALA A 26 -11.38 -6.15 -5.02
C ALA A 26 -11.60 -4.69 -5.39
N THR A 27 -10.54 -3.88 -5.31
CA THR A 27 -10.64 -2.46 -5.65
C THR A 27 -11.16 -2.22 -7.06
N LEU A 28 -10.59 -2.90 -8.05
CA LEU A 28 -11.03 -2.73 -9.43
C LEU A 28 -12.53 -2.94 -9.49
N GLY A 29 -12.95 -4.14 -9.10
CA GLY A 29 -14.37 -4.49 -9.13
C GLY A 29 -15.31 -3.58 -8.36
N ARG A 30 -14.85 -3.01 -7.28
CA ARG A 30 -15.70 -2.16 -6.50
C ARG A 30 -15.79 -0.74 -7.08
N VAL A 31 -14.67 -0.23 -7.59
CA VAL A 31 -14.59 1.10 -8.16
C VAL A 31 -15.29 1.12 -9.50
N LEU A 32 -15.53 -0.07 -10.02
CA LEU A 32 -16.19 -0.26 -11.31
C LEU A 32 -17.68 0.01 -11.16
N ARG A 33 -18.18 -0.06 -9.93
CA ARG A 33 -19.59 0.23 -9.70
C ARG A 33 -20.47 -0.59 -10.65
N MSE A 34 -20.55 -1.89 -10.40
CA MSE A 34 -21.32 -2.81 -11.22
C MSE A 34 -22.58 -3.29 -10.51
O MSE A 34 -22.53 -3.67 -9.34
CB MSE A 34 -20.45 -4.01 -11.56
CG MSE A 34 -19.10 -3.61 -12.10
SE MSE A 34 -17.99 -5.10 -12.71
CE MSE A 34 -17.99 -4.69 -14.59
N LYS A 35 -23.70 -3.28 -11.22
CA LYS A 35 -24.96 -3.73 -10.63
C LYS A 35 -24.99 -5.26 -10.63
N PRO A 36 -25.65 -5.87 -9.63
CA PRO A 36 -25.68 -7.34 -9.63
C PRO A 36 -26.42 -7.82 -10.88
N GLY A 37 -25.70 -8.51 -11.76
CA GLY A 37 -26.33 -9.01 -12.97
C GLY A 37 -25.53 -8.66 -14.21
N THR A 38 -24.50 -7.85 -14.03
CA THR A 38 -23.62 -7.42 -15.10
C THR A 38 -22.94 -8.64 -15.71
N ARG A 39 -22.95 -8.69 -17.04
CA ARG A 39 -22.32 -9.78 -17.77
C ARG A 39 -20.91 -9.34 -18.15
N ILE A 40 -19.91 -10.17 -17.82
CA ILE A 40 -18.51 -9.86 -18.11
C ILE A 40 -17.93 -10.92 -19.01
N LEU A 41 -16.83 -10.58 -19.67
CA LEU A 41 -16.15 -11.51 -20.57
C LEU A 41 -14.64 -11.35 -20.32
N ASP A 42 -13.98 -12.35 -19.75
CA ASP A 42 -12.56 -12.25 -19.50
C ASP A 42 -11.76 -13.13 -20.48
N LEU A 43 -10.88 -12.51 -21.27
CA LEU A 43 -10.09 -13.27 -22.22
C LEU A 43 -8.70 -13.54 -21.61
N GLY A 44 -8.42 -14.78 -21.23
CA GLY A 44 -7.16 -15.10 -20.59
C GLY A 44 -7.30 -14.83 -19.10
N SER A 45 -8.42 -15.31 -18.57
CA SER A 45 -8.78 -15.18 -17.18
C SER A 45 -7.88 -15.98 -16.24
N GLY A 46 -6.85 -16.62 -16.78
CA GLY A 46 -5.98 -17.42 -15.91
C GLY A 46 -6.77 -18.33 -14.99
N SER A 47 -6.73 -18.08 -13.69
CA SER A 47 -7.46 -18.94 -12.79
C SER A 47 -8.80 -18.37 -12.37
N GLY A 48 -9.35 -17.49 -13.21
CA GLY A 48 -10.64 -16.87 -12.96
C GLY A 48 -10.81 -16.27 -11.57
N GLU A 49 -9.70 -15.93 -10.93
CA GLU A 49 -9.76 -15.36 -9.61
C GLU A 49 -10.52 -14.05 -9.68
N MSE A 50 -10.47 -13.40 -10.83
CA MSE A 50 -11.15 -12.12 -10.97
C MSE A 50 -12.66 -12.27 -11.12
O MSE A 50 -13.42 -11.47 -10.56
CB MSE A 50 -10.59 -11.35 -12.16
CG MSE A 50 -11.17 -9.97 -12.28
SE MSE A 50 -10.93 -9.24 -14.03
CE MSE A 50 -9.69 -7.85 -13.61
N LEU A 51 -13.08 -13.27 -11.89
CA LEU A 51 -14.50 -13.51 -12.12
C LEU A 51 -15.16 -14.16 -10.93
N CYS A 52 -14.45 -15.09 -10.29
CA CYS A 52 -15.03 -15.76 -9.13
C CYS A 52 -15.28 -14.77 -7.99
N THR A 53 -14.27 -13.96 -7.65
CA THR A 53 -14.43 -13.00 -6.54
C THR A 53 -15.52 -11.93 -6.78
N TRP A 54 -15.46 -11.26 -7.93
CA TRP A 54 -16.48 -10.27 -8.26
C TRP A 54 -17.87 -10.91 -8.29
N ALA A 55 -17.95 -12.17 -8.71
CA ALA A 55 -19.26 -12.80 -8.74
C ALA A 55 -19.73 -13.06 -7.31
N ARG A 56 -18.81 -13.12 -6.38
CA ARG A 56 -19.17 -13.39 -5.01
C ARG A 56 -19.49 -12.14 -4.22
N ASP A 57 -18.88 -11.02 -4.61
CA ASP A 57 -19.06 -9.78 -3.89
C ASP A 57 -19.86 -8.71 -4.66
N HIS A 58 -20.25 -9.00 -5.89
CA HIS A 58 -20.99 -8.04 -6.69
C HIS A 58 -22.14 -8.66 -7.50
N GLY A 59 -22.23 -9.99 -7.46
CA GLY A 59 -23.27 -10.70 -8.18
C GLY A 59 -23.21 -10.60 -9.69
N ILE A 60 -22.02 -10.36 -10.24
CA ILE A 60 -21.90 -10.28 -11.67
C ILE A 60 -21.88 -11.69 -12.24
N THR A 61 -21.92 -11.79 -13.56
CA THR A 61 -21.94 -13.05 -14.29
C THR A 61 -20.92 -12.91 -15.40
N GLY A 62 -20.39 -14.03 -15.88
CA GLY A 62 -19.43 -13.94 -16.97
C GLY A 62 -18.84 -15.28 -17.34
N THR A 63 -17.93 -15.26 -18.32
CA THR A 63 -17.25 -16.47 -18.72
C THR A 63 -15.80 -16.11 -18.96
N GLY A 64 -14.90 -17.06 -18.69
CA GLY A 64 -13.48 -16.82 -18.88
C GLY A 64 -12.83 -17.86 -19.77
N ILE A 65 -12.21 -17.40 -20.85
CA ILE A 65 -11.56 -18.32 -21.79
C ILE A 65 -10.05 -18.30 -21.56
N ASP A 66 -9.44 -19.46 -21.46
CA ASP A 66 -8.00 -19.53 -21.26
C ASP A 66 -7.38 -20.75 -21.92
N MSE A 67 -6.20 -20.58 -22.49
CA MSE A 67 -5.52 -21.67 -23.18
C MSE A 67 -5.15 -22.85 -22.28
O MSE A 67 -5.22 -24.00 -22.69
CB MSE A 67 -4.25 -21.15 -23.86
CG MSE A 67 -4.50 -20.29 -25.10
SE MSE A 67 -5.44 -21.28 -26.48
CE MSE A 67 -3.97 -22.40 -27.10
N SER A 68 -4.73 -22.53 -21.06
CA SER A 68 -4.33 -23.53 -20.10
C SER A 68 -5.51 -24.32 -19.57
N SER A 69 -5.35 -25.63 -19.48
CA SER A 69 -6.41 -26.49 -18.97
C SER A 69 -6.24 -26.53 -17.46
N LEU A 70 -4.99 -26.42 -17.04
CA LEU A 70 -4.67 -26.46 -15.61
C LEU A 70 -5.34 -25.28 -14.89
N PHE A 71 -5.27 -24.10 -15.50
CA PHE A 71 -5.89 -22.93 -14.89
C PHE A 71 -7.41 -23.06 -14.97
N THR A 72 -7.90 -23.39 -16.15
CA THR A 72 -9.33 -23.56 -16.34
C THR A 72 -9.81 -24.52 -15.27
N ALA A 73 -8.96 -25.44 -14.86
CA ALA A 73 -9.35 -26.38 -13.82
C ALA A 73 -9.40 -25.66 -12.47
N GLN A 74 -8.39 -24.85 -12.21
CA GLN A 74 -8.30 -24.11 -10.95
C GLN A 74 -9.42 -23.07 -10.80
N ALA A 75 -9.87 -22.53 -11.94
CA ALA A 75 -10.94 -21.55 -11.96
C ALA A 75 -12.26 -22.22 -11.65
N LYS A 76 -12.52 -23.32 -12.34
CA LYS A 76 -13.76 -24.04 -12.12
C LYS A 76 -13.81 -24.48 -10.68
N ARG A 77 -12.64 -24.84 -10.14
CA ARG A 77 -12.51 -25.30 -8.76
C ARG A 77 -12.62 -24.14 -7.78
N ARG A 78 -12.20 -22.97 -8.25
CA ARG A 78 -12.23 -21.77 -7.45
C ARG A 78 -13.67 -21.30 -7.34
N ALA A 79 -14.40 -21.31 -8.44
CA ALA A 79 -15.79 -20.84 -8.40
C ALA A 79 -16.61 -21.74 -7.48
N GLU A 80 -16.31 -23.02 -7.52
CA GLU A 80 -16.99 -24.01 -6.70
C GLU A 80 -16.69 -23.72 -5.21
N GLU A 81 -15.41 -23.48 -4.91
CA GLU A 81 -14.97 -23.19 -3.55
C GLU A 81 -15.72 -22.01 -2.95
N LEU A 82 -15.86 -20.92 -3.71
CA LEU A 82 -16.56 -19.75 -3.22
C LEU A 82 -18.07 -19.90 -3.32
N GLY A 83 -18.53 -21.06 -3.78
CA GLY A 83 -19.96 -21.33 -3.92
C GLY A 83 -20.68 -20.39 -4.88
N VAL A 84 -20.06 -20.08 -6.01
CA VAL A 84 -20.66 -19.18 -6.97
C VAL A 84 -20.45 -19.71 -8.41
N SER A 85 -20.21 -21.00 -8.55
CA SER A 85 -19.95 -21.55 -9.90
C SER A 85 -21.15 -21.45 -10.82
N GLU A 86 -22.24 -20.93 -10.27
CA GLU A 86 -23.46 -20.76 -11.03
C GLU A 86 -23.44 -19.42 -11.77
N ARG A 87 -22.74 -18.43 -11.22
CA ARG A 87 -22.65 -17.11 -11.87
C ARG A 87 -21.56 -16.99 -12.94
N VAL A 88 -20.49 -17.77 -12.80
CA VAL A 88 -19.41 -17.72 -13.77
C VAL A 88 -19.26 -19.04 -14.50
N HIS A 89 -18.75 -18.96 -15.72
CA HIS A 89 -18.53 -20.13 -16.54
C HIS A 89 -17.15 -20.05 -17.21
N PHE A 90 -16.31 -21.06 -16.95
CA PHE A 90 -14.96 -21.12 -17.52
C PHE A 90 -14.84 -22.19 -18.60
N ILE A 91 -14.41 -21.76 -19.80
CA ILE A 91 -14.24 -22.69 -20.92
C ILE A 91 -12.78 -22.72 -21.35
N HIS A 92 -12.31 -23.89 -21.79
CA HIS A 92 -10.93 -24.05 -22.25
C HIS A 92 -10.91 -23.82 -23.75
N ASN A 93 -10.24 -22.77 -24.18
CA ASN A 93 -10.19 -22.45 -25.60
C ASN A 93 -9.24 -21.30 -25.86
N ASP A 94 -9.13 -20.91 -27.12
CA ASP A 94 -8.25 -19.83 -27.50
C ASP A 94 -9.03 -18.52 -27.45
N ALA A 95 -8.36 -17.44 -27.06
CA ALA A 95 -8.98 -16.14 -26.98
C ALA A 95 -8.43 -15.21 -28.05
N ALA A 96 -7.37 -15.64 -28.73
CA ALA A 96 -6.76 -14.81 -29.77
C ALA A 96 -7.81 -14.30 -30.76
N GLY A 97 -8.90 -15.05 -30.91
CA GLY A 97 -9.95 -14.64 -31.82
C GLY A 97 -11.29 -15.10 -31.32
N TYR A 98 -11.55 -14.89 -30.02
CA TYR A 98 -12.82 -15.30 -29.43
C TYR A 98 -13.84 -14.15 -29.51
N VAL A 99 -15.12 -14.49 -29.62
CA VAL A 99 -16.19 -13.50 -29.69
C VAL A 99 -17.44 -14.06 -29.01
N ALA A 100 -17.97 -13.32 -28.04
CA ALA A 100 -19.16 -13.78 -27.33
C ALA A 100 -20.44 -13.72 -28.16
N ASN A 101 -21.24 -14.78 -28.06
CA ASN A 101 -22.48 -14.85 -28.80
C ASN A 101 -23.32 -13.60 -28.54
N GLU A 102 -23.36 -13.19 -27.28
CA GLU A 102 -24.14 -12.03 -26.87
C GLU A 102 -23.22 -10.92 -26.35
N LYS A 103 -23.58 -9.66 -26.60
CA LYS A 103 -22.78 -8.53 -26.13
C LYS A 103 -22.66 -8.60 -24.61
N CYS A 104 -21.59 -8.02 -24.08
CA CYS A 104 -21.36 -8.02 -22.63
C CYS A 104 -21.17 -6.63 -22.06
N ASP A 105 -21.72 -6.39 -20.87
CA ASP A 105 -21.61 -5.10 -20.19
C ASP A 105 -20.18 -4.65 -20.00
N VAL A 106 -19.26 -5.62 -19.90
CA VAL A 106 -17.83 -5.36 -19.74
C VAL A 106 -16.95 -6.48 -20.29
N ALA A 107 -16.13 -6.14 -21.27
CA ALA A 107 -15.22 -7.12 -21.87
C ALA A 107 -13.83 -6.83 -21.34
N ALA A 108 -13.14 -7.87 -20.90
CA ALA A 108 -11.83 -7.70 -20.30
C ALA A 108 -10.75 -8.67 -20.72
N CYS A 109 -9.56 -8.15 -20.90
CA CYS A 109 -8.42 -8.98 -21.22
C CYS A 109 -7.33 -8.45 -20.29
N VAL A 110 -7.29 -8.98 -19.06
CA VAL A 110 -6.31 -8.53 -18.08
C VAL A 110 -5.06 -9.40 -18.10
N GLY A 111 -3.92 -8.80 -18.43
CA GLY A 111 -2.68 -9.55 -18.48
C GLY A 111 -2.39 -10.19 -19.83
N ALA A 112 -3.21 -11.16 -20.20
CA ALA A 112 -3.10 -11.90 -21.46
C ALA A 112 -3.40 -11.04 -22.68
N THR A 113 -2.86 -9.85 -22.70
CA THR A 113 -3.06 -8.92 -23.81
C THR A 113 -2.12 -9.25 -24.96
N TRP A 114 -1.25 -10.25 -24.73
CA TRP A 114 -0.29 -10.69 -25.72
C TRP A 114 -0.97 -11.66 -26.69
N ILE A 115 -2.19 -12.05 -26.33
CA ILE A 115 -2.99 -12.98 -27.12
C ILE A 115 -3.49 -12.32 -28.41
N ALA A 116 -3.47 -10.99 -28.42
CA ALA A 116 -3.92 -10.23 -29.58
C ALA A 116 -2.75 -9.60 -30.32
N GLY A 117 -1.67 -9.33 -29.58
CA GLY A 117 -0.49 -8.72 -30.20
C GLY A 117 0.25 -7.82 -29.24
N GLY A 118 -0.49 -6.89 -28.64
CA GLY A 118 0.11 -5.95 -27.70
C GLY A 118 -0.96 -5.43 -26.76
N PHE A 119 -1.81 -4.54 -27.27
CA PHE A 119 -2.92 -3.95 -26.50
C PHE A 119 -3.86 -3.23 -27.46
N ALA A 120 -3.31 -2.76 -28.58
CA ALA A 120 -4.14 -2.08 -29.56
C ALA A 120 -4.89 -3.15 -30.32
N GLY A 121 -4.34 -4.37 -30.30
CA GLY A 121 -4.97 -5.48 -30.97
C GLY A 121 -6.01 -6.08 -30.05
N ALA A 122 -5.88 -5.83 -28.76
CA ALA A 122 -6.83 -6.34 -27.79
C ALA A 122 -8.10 -5.52 -27.84
N GLU A 123 -7.97 -4.26 -28.29
CA GLU A 123 -9.11 -3.36 -28.40
C GLU A 123 -10.11 -3.88 -29.43
N GLU A 124 -9.60 -4.31 -30.59
CA GLU A 124 -10.45 -4.85 -31.66
C GLU A 124 -11.24 -6.05 -31.19
N LEU A 125 -10.59 -6.92 -30.42
CA LEU A 125 -11.22 -8.13 -29.92
C LEU A 125 -12.40 -7.85 -28.97
N LEU A 126 -12.09 -7.40 -27.75
CA LEU A 126 -13.13 -7.11 -26.75
C LEU A 126 -14.24 -6.26 -27.33
N ALA A 127 -13.86 -5.14 -27.92
CA ALA A 127 -14.82 -4.22 -28.50
C ALA A 127 -15.78 -4.91 -29.45
N GLN A 128 -15.52 -6.17 -29.79
CA GLN A 128 -16.41 -6.89 -30.70
C GLN A 128 -17.50 -7.65 -29.99
N SER A 129 -17.55 -7.54 -28.67
CA SER A 129 -18.58 -8.22 -27.90
C SER A 129 -18.99 -7.39 -26.68
N LEU A 130 -18.70 -6.09 -26.74
CA LEU A 130 -19.00 -5.15 -25.67
C LEU A 130 -20.17 -4.22 -26.01
N LYS A 131 -21.29 -4.32 -25.27
CA LYS A 131 -22.45 -3.46 -25.50
C LYS A 131 -22.01 -2.01 -25.71
N PRO A 132 -22.80 -1.20 -26.42
CA PRO A 132 -22.35 0.18 -26.59
C PRO A 132 -22.19 0.87 -25.23
N GLY A 133 -21.13 1.67 -25.09
CA GLY A 133 -20.92 2.37 -23.84
C GLY A 133 -20.63 1.40 -22.70
N GLY A 134 -20.14 0.24 -23.09
CA GLY A 134 -19.79 -0.79 -22.14
C GLY A 134 -18.40 -0.53 -21.64
N ILE A 135 -18.08 -1.08 -20.48
CA ILE A 135 -16.78 -0.89 -19.90
C ILE A 135 -15.80 -1.95 -20.37
N MSE A 136 -14.64 -1.49 -20.84
CA MSE A 136 -13.61 -2.39 -21.31
C MSE A 136 -12.40 -2.29 -20.38
O MSE A 136 -11.83 -1.23 -20.18
CB MSE A 136 -13.19 -2.01 -22.73
CG MSE A 136 -11.99 -2.81 -23.28
SE MSE A 136 -11.71 -2.52 -25.19
CE MSE A 136 -10.34 -1.18 -25.16
N LEU A 137 -12.04 -3.44 -19.82
CA LEU A 137 -10.91 -3.54 -18.91
C LEU A 137 -9.65 -3.95 -19.66
N ILE A 138 -8.53 -3.30 -19.36
CA ILE A 138 -7.29 -3.66 -20.01
C ILE A 138 -6.09 -3.67 -19.06
N GLY A 139 -5.57 -4.86 -18.82
CA GLY A 139 -4.40 -5.01 -17.97
C GLY A 139 -3.17 -5.02 -18.85
N GLU A 140 -2.44 -3.91 -18.82
CA GLU A 140 -1.22 -3.76 -19.63
C GLU A 140 -0.07 -3.20 -18.82
N PRO A 141 1.14 -3.74 -19.00
CA PRO A 141 2.33 -3.26 -18.29
C PRO A 141 2.90 -2.01 -18.98
N TYR A 142 3.59 -1.17 -18.21
CA TYR A 142 4.15 0.04 -18.77
C TYR A 142 5.51 0.36 -18.15
N TRP A 143 6.28 1.24 -18.77
CA TRP A 143 7.57 1.60 -18.22
C TRP A 143 7.42 2.55 -17.02
N ARG A 144 7.38 1.99 -15.82
CA ARG A 144 7.27 2.76 -14.59
C ARG A 144 8.37 3.80 -14.57
N GLN A 145 9.49 3.42 -15.19
CA GLN A 145 10.68 4.27 -15.26
C GLN A 145 11.41 3.93 -16.56
N LEU A 146 11.01 4.57 -17.66
CA LEU A 146 11.63 4.30 -18.96
C LEU A 146 13.15 4.20 -18.90
N PRO A 147 13.70 3.03 -19.27
CA PRO A 147 15.15 2.82 -19.25
C PRO A 147 15.89 3.80 -20.16
N ALA A 148 17.20 3.91 -19.97
CA ALA A 148 18.04 4.82 -20.75
C ALA A 148 18.72 4.14 -21.95
N THR A 149 18.80 2.80 -21.91
CA THR A 149 19.43 2.04 -23.00
C THR A 149 18.73 0.70 -23.22
N GLU A 150 18.70 0.26 -24.48
CA GLU A 150 18.09 -1.01 -24.85
C GLU A 150 18.71 -2.14 -24.05
N GLU A 151 19.95 -1.90 -23.61
CA GLU A 151 20.68 -2.87 -22.82
C GLU A 151 19.84 -3.11 -21.57
N ILE A 152 19.67 -2.04 -20.78
CA ILE A 152 18.88 -2.10 -19.55
C ILE A 152 17.54 -2.75 -19.84
N ALA A 153 16.86 -2.27 -20.87
CA ALA A 153 15.57 -2.82 -21.25
C ALA A 153 15.72 -4.29 -21.56
N GLN A 154 16.80 -4.65 -22.23
CA GLN A 154 17.03 -6.04 -22.58
C GLN A 154 17.34 -6.84 -21.32
N ALA A 155 17.71 -6.14 -20.26
CA ALA A 155 18.03 -6.79 -19.00
C ALA A 155 16.83 -6.86 -18.07
N CYS A 156 15.70 -6.32 -18.52
CA CYS A 156 14.48 -6.33 -17.73
C CYS A 156 13.57 -7.47 -18.20
N GLY A 157 14.04 -8.22 -19.18
CA GLY A 157 13.26 -9.35 -19.69
C GLY A 157 12.46 -9.04 -20.93
N VAL A 158 12.67 -7.85 -21.49
CA VAL A 158 11.95 -7.45 -22.69
C VAL A 158 12.95 -7.22 -23.80
N SER A 159 12.45 -7.07 -25.03
CA SER A 159 13.30 -6.86 -26.21
C SER A 159 13.75 -5.41 -26.38
N SER A 160 12.79 -4.50 -26.54
CA SER A 160 13.10 -3.08 -26.72
C SER A 160 12.25 -2.18 -25.84
N THR A 161 12.66 -0.92 -25.74
CA THR A 161 11.96 0.07 -24.95
C THR A 161 10.63 0.41 -25.64
N SER A 162 10.56 0.11 -26.94
CA SER A 162 9.36 0.39 -27.73
C SER A 162 8.29 -0.67 -27.44
N ASP A 163 8.68 -1.71 -26.71
CA ASP A 163 7.77 -2.78 -26.36
C ASP A 163 6.58 -2.29 -25.56
N PHE A 164 6.87 -1.39 -24.62
CA PHE A 164 5.84 -0.84 -23.76
C PHE A 164 5.93 0.66 -23.75
N LEU A 165 4.86 1.30 -23.30
CA LEU A 165 4.80 2.75 -23.20
C LEU A 165 4.94 3.18 -21.74
N THR A 166 4.85 4.48 -21.52
CA THR A 166 4.94 5.02 -20.18
C THR A 166 3.52 5.26 -19.70
N LEU A 167 3.33 5.62 -18.43
CA LEU A 167 1.96 5.84 -17.97
C LEU A 167 1.20 6.84 -18.84
N PRO A 168 1.80 8.02 -19.09
CA PRO A 168 1.14 9.03 -19.92
C PRO A 168 1.10 8.64 -21.40
N GLY A 169 2.06 7.82 -21.81
CA GLY A 169 2.10 7.39 -23.19
C GLY A 169 1.03 6.32 -23.42
N LEU A 170 0.79 5.53 -22.38
CA LEU A 170 -0.19 4.47 -22.45
C LEU A 170 -1.62 5.01 -22.37
N VAL A 171 -1.86 5.97 -21.48
CA VAL A 171 -3.19 6.55 -21.36
C VAL A 171 -3.45 7.41 -22.58
N GLY A 172 -2.40 8.05 -23.06
CA GLY A 172 -2.51 8.89 -24.23
C GLY A 172 -2.78 8.04 -25.46
N ALA A 173 -2.45 6.74 -25.36
CA ALA A 173 -2.65 5.79 -26.45
C ALA A 173 -4.10 5.33 -26.49
N PHE A 174 -4.66 5.08 -25.32
CA PHE A 174 -6.05 4.64 -25.24
C PHE A 174 -6.93 5.74 -25.79
N ASP A 175 -6.47 6.98 -25.62
CA ASP A 175 -7.18 8.15 -26.11
C ASP A 175 -7.15 8.21 -27.64
N ASP A 176 -5.97 8.03 -28.21
CA ASP A 176 -5.77 8.05 -29.64
C ASP A 176 -6.65 7.01 -30.35
N LEU A 177 -7.33 6.17 -29.57
CA LEU A 177 -8.19 5.14 -30.12
C LEU A 177 -9.65 5.47 -29.87
N GLY A 178 -9.88 6.69 -29.38
CA GLY A 178 -11.23 7.13 -29.11
C GLY A 178 -11.85 6.53 -27.87
N TYR A 179 -11.06 6.33 -26.82
CA TYR A 179 -11.61 5.79 -25.58
C TYR A 179 -11.31 6.72 -24.40
N ASP A 180 -12.31 6.91 -23.53
CA ASP A 180 -12.15 7.74 -22.33
C ASP A 180 -11.77 6.81 -21.17
N VAL A 181 -10.60 7.03 -20.58
CA VAL A 181 -10.18 6.21 -19.44
C VAL A 181 -10.87 6.74 -18.19
N VAL A 182 -11.96 6.08 -17.82
CA VAL A 182 -12.78 6.47 -16.66
C VAL A 182 -12.36 5.87 -15.33
N GLU A 183 -11.47 4.90 -15.35
CA GLU A 183 -11.06 4.31 -14.09
C GLU A 183 -9.69 3.66 -14.26
N MSE A 184 -8.92 3.61 -13.19
CA MSE A 184 -7.56 3.09 -13.29
C MSE A 184 -7.09 2.54 -11.97
O MSE A 184 -7.16 3.22 -10.95
CB MSE A 184 -6.64 4.22 -13.74
CG MSE A 184 -5.17 3.86 -13.84
SE MSE A 184 -4.07 5.46 -13.99
CE MSE A 184 -4.60 6.01 -15.76
N VAL A 185 -6.61 1.31 -11.97
CA VAL A 185 -6.10 0.69 -10.77
C VAL A 185 -4.70 0.17 -11.09
N LEU A 186 -3.70 0.93 -10.66
CA LEU A 186 -2.31 0.60 -10.90
C LEU A 186 -1.71 -0.27 -9.83
N ALA A 187 -0.87 -1.21 -10.25
CA ALA A 187 -0.22 -2.11 -9.31
C ALA A 187 0.93 -1.41 -8.63
N ASP A 188 1.37 -1.95 -7.51
CA ASP A 188 2.49 -1.34 -6.79
C ASP A 188 3.60 -2.36 -6.59
N GLN A 189 4.83 -1.87 -6.49
CA GLN A 189 6.01 -2.71 -6.30
C GLN A 189 5.74 -3.92 -5.42
N GLU A 190 5.03 -3.73 -4.30
CA GLU A 190 4.70 -4.82 -3.40
C GLU A 190 3.99 -5.92 -4.16
N GLY A 191 3.00 -5.52 -4.95
CA GLY A 191 2.23 -6.46 -5.74
C GLY A 191 3.12 -7.21 -6.72
N TRP A 192 4.18 -6.53 -7.14
CA TRP A 192 5.12 -7.15 -8.03
C TRP A 192 5.90 -8.18 -7.23
N ASP A 193 6.39 -7.82 -6.05
CA ASP A 193 7.16 -8.81 -5.30
C ASP A 193 6.45 -10.13 -5.08
N ARG A 194 5.22 -10.06 -4.63
CA ARG A 194 4.45 -11.25 -4.36
C ARG A 194 4.34 -12.10 -5.63
N TYR A 195 4.33 -11.44 -6.78
CA TYR A 195 4.22 -12.12 -8.06
C TYR A 195 5.52 -12.80 -8.50
N GLU A 196 6.64 -12.06 -8.48
CA GLU A 196 7.94 -12.61 -8.86
C GLU A 196 8.48 -13.58 -7.80
N ALA A 197 8.49 -13.15 -6.53
CA ALA A 197 8.96 -14.02 -5.47
C ALA A 197 8.26 -15.36 -5.48
N ALA A 198 6.96 -15.40 -5.70
CA ALA A 198 6.29 -16.70 -5.72
C ALA A 198 6.99 -17.66 -6.69
N LYS A 199 7.21 -17.22 -7.93
CA LYS A 199 7.87 -18.06 -8.92
C LYS A 199 9.18 -18.65 -8.41
N TRP A 200 9.97 -17.87 -7.67
CA TRP A 200 11.24 -18.38 -7.19
C TRP A 200 11.07 -19.57 -6.24
N LEU A 201 9.96 -19.62 -5.51
CA LEU A 201 9.76 -20.71 -4.58
C LEU A 201 9.08 -21.87 -5.25
N THR A 202 8.27 -21.58 -6.25
CA THR A 202 7.57 -22.65 -6.94
C THR A 202 8.55 -23.46 -7.77
N MSE A 203 9.41 -22.74 -8.48
CA MSE A 203 10.39 -23.38 -9.33
C MSE A 203 11.34 -24.24 -8.50
O MSE A 203 11.66 -25.37 -8.88
CB MSE A 203 11.15 -22.32 -10.11
CG MSE A 203 10.24 -21.49 -10.99
SE MSE A 203 11.27 -20.44 -12.21
CE MSE A 203 11.66 -18.97 -11.05
N ARG A 204 11.79 -23.70 -7.37
CA ARG A 204 12.67 -24.45 -6.49
C ARG A 204 11.92 -25.69 -5.99
N ARG A 205 10.65 -25.52 -5.60
CA ARG A 205 9.89 -26.65 -5.09
C ARG A 205 9.67 -27.71 -6.15
N TRP A 206 9.44 -27.24 -7.38
CA TRP A 206 9.21 -28.13 -8.49
C TRP A 206 10.52 -28.83 -8.85
N LEU A 207 11.63 -28.13 -8.62
CA LEU A 207 12.94 -28.68 -8.94
C LEU A 207 13.28 -29.85 -8.04
N GLU A 208 12.85 -29.78 -6.78
CA GLU A 208 13.14 -30.83 -5.83
C GLU A 208 12.10 -31.93 -5.88
N ALA A 209 11.16 -31.81 -6.81
CA ALA A 209 10.09 -32.81 -6.93
C ALA A 209 10.08 -33.44 -8.31
N ASN A 210 10.94 -32.97 -9.18
CA ASN A 210 11.01 -33.47 -10.54
C ASN A 210 12.42 -33.30 -11.04
N PRO A 211 13.39 -33.88 -10.33
CA PRO A 211 14.77 -33.75 -10.76
C PRO A 211 15.06 -34.51 -12.04
N ASP A 212 14.04 -35.09 -12.65
CA ASP A 212 14.28 -35.86 -13.87
C ASP A 212 13.44 -35.47 -15.06
N ASP A 213 12.72 -34.37 -14.93
CA ASP A 213 11.87 -33.89 -16.01
C ASP A 213 12.75 -33.24 -17.09
N ASP A 214 12.27 -33.19 -18.34
CA ASP A 214 13.06 -32.62 -19.43
C ASP A 214 13.36 -31.14 -19.36
N PHE A 215 12.49 -30.39 -18.70
CA PHE A 215 12.70 -28.96 -18.61
C PHE A 215 13.42 -28.59 -17.33
N ALA A 216 13.96 -29.59 -16.63
CA ALA A 216 14.68 -29.33 -15.39
C ALA A 216 15.87 -28.41 -15.62
N ALA A 217 16.61 -28.68 -16.68
CA ALA A 217 17.77 -27.87 -16.99
C ALA A 217 17.41 -26.39 -17.10
N GLU A 218 16.38 -26.10 -17.90
CA GLU A 218 15.92 -24.74 -18.12
C GLU A 218 15.42 -24.05 -16.83
N VAL A 219 14.55 -24.75 -16.09
CA VAL A 219 14.00 -24.22 -14.84
C VAL A 219 15.12 -23.80 -13.92
N ARG A 220 16.04 -24.73 -13.65
CA ARG A 220 17.18 -24.45 -12.79
C ARG A 220 17.94 -23.21 -13.27
N ALA A 221 17.99 -23.03 -14.58
CA ALA A 221 18.67 -21.88 -15.15
C ALA A 221 17.88 -20.60 -14.88
N GLU A 222 16.55 -20.68 -14.97
CA GLU A 222 15.72 -19.50 -14.74
C GLU A 222 15.88 -19.01 -13.31
N LEU A 223 15.86 -19.95 -12.37
CA LEU A 223 16.01 -19.60 -10.98
C LEU A 223 17.32 -18.89 -10.69
N ASN A 224 18.40 -19.38 -11.28
CA ASN A 224 19.73 -18.79 -11.07
C ASN A 224 19.80 -17.29 -11.30
N ILE A 225 18.99 -16.76 -12.20
CA ILE A 225 19.06 -15.34 -12.46
C ILE A 225 17.76 -14.58 -12.22
N ALA A 226 16.67 -15.30 -12.03
CA ALA A 226 15.38 -14.63 -11.81
C ALA A 226 15.35 -13.60 -10.66
N PRO A 227 15.89 -13.93 -9.47
CA PRO A 227 15.85 -12.95 -8.39
C PRO A 227 16.67 -11.70 -8.68
N LYS A 228 17.79 -11.90 -9.36
CA LYS A 228 18.66 -10.80 -9.69
C LYS A 228 18.07 -10.00 -10.83
N ARG A 229 17.59 -10.66 -11.86
CA ARG A 229 17.04 -9.98 -13.01
C ARG A 229 15.93 -9.04 -12.61
N TYR A 230 15.22 -9.39 -11.55
CA TYR A 230 14.13 -8.57 -11.07
C TYR A 230 14.59 -7.39 -10.21
N VAL A 231 15.18 -7.68 -9.06
CA VAL A 231 15.60 -6.61 -8.18
C VAL A 231 16.60 -5.65 -8.81
N THR A 232 17.39 -6.11 -9.77
CA THR A 232 18.37 -5.23 -10.38
C THR A 232 17.75 -4.27 -11.38
N TYR A 233 16.74 -4.76 -12.10
CA TYR A 233 16.04 -3.96 -13.10
C TYR A 233 14.53 -3.85 -12.89
N ALA A 234 13.79 -4.70 -13.59
CA ALA A 234 12.32 -4.74 -13.55
C ALA A 234 11.58 -4.02 -12.41
N ARG A 235 11.94 -4.32 -11.17
CA ARG A 235 11.28 -3.76 -10.00
C ARG A 235 11.21 -2.24 -9.92
N GLU A 236 11.95 -1.57 -10.81
CA GLU A 236 11.97 -0.12 -10.82
C GLU A 236 11.47 0.47 -12.13
N CYS A 237 11.70 -0.22 -13.23
CA CYS A 237 11.30 0.27 -14.54
C CYS A 237 9.93 -0.17 -14.95
N PHE A 238 9.45 -1.23 -14.34
CA PHE A 238 8.16 -1.76 -14.71
C PHE A 238 7.01 -1.36 -13.80
N GLY A 239 5.92 -0.98 -14.46
CA GLY A 239 4.68 -0.63 -13.80
C GLY A 239 3.60 -1.52 -14.42
N TRP A 240 2.43 -1.62 -13.77
CA TRP A 240 1.33 -2.45 -14.28
C TRP A 240 0.00 -1.95 -13.74
N GLY A 241 -1.07 -2.26 -14.48
CA GLY A 241 -2.39 -1.82 -14.04
C GLY A 241 -3.52 -2.15 -15.00
N VAL A 242 -4.74 -1.91 -14.54
CA VAL A 242 -5.91 -2.13 -15.37
C VAL A 242 -6.50 -0.77 -15.65
N PHE A 243 -6.97 -0.60 -16.87
CA PHE A 243 -7.56 0.66 -17.27
C PHE A 243 -8.99 0.43 -17.71
N ALA A 244 -9.94 1.11 -17.08
CA ALA A 244 -11.34 0.96 -17.46
C ALA A 244 -11.52 1.87 -18.66
N LEU A 245 -11.99 1.33 -19.77
CA LEU A 245 -12.17 2.16 -20.97
C LEU A 245 -13.62 2.18 -21.41
N ILE A 246 -13.97 3.16 -22.21
CA ILE A 246 -15.33 3.26 -22.72
C ILE A 246 -15.32 4.13 -23.96
N ALA A 247 -15.79 3.56 -25.07
CA ALA A 247 -15.82 4.26 -26.35
C ALA A 247 -16.44 5.64 -26.26
N ARG A 248 -15.77 6.61 -26.87
CA ARG A 248 -16.24 7.98 -26.87
C ARG A 248 -17.40 8.13 -27.87
N ILE B 3 23.47 -0.25 24.59
CA ILE B 3 22.18 0.12 23.93
C ILE B 3 21.66 1.49 24.39
N PRO B 4 21.72 2.50 23.51
CA PRO B 4 21.23 3.82 23.93
C PRO B 4 19.81 3.63 24.46
N ARG B 5 19.59 4.01 25.72
CA ARG B 5 18.28 3.84 26.31
C ARG B 5 17.21 4.50 25.44
N ILE B 6 17.60 5.47 24.62
CA ILE B 6 16.66 6.14 23.72
C ILE B 6 15.95 5.09 22.87
N PHE B 7 16.70 4.07 22.43
CA PHE B 7 16.14 3.00 21.62
C PHE B 7 15.08 2.26 22.44
N THR B 8 15.29 2.21 23.74
CA THR B 8 14.36 1.54 24.65
C THR B 8 13.17 2.46 24.95
N ILE B 9 13.36 3.76 24.75
CA ILE B 9 12.32 4.73 25.00
C ILE B 9 11.48 5.01 23.76
N SER B 10 12.15 5.26 22.64
CA SER B 10 11.48 5.54 21.38
C SER B 10 10.66 4.35 20.92
N GLU B 11 11.09 3.14 21.30
CA GLU B 11 10.40 1.92 20.93
C GLU B 11 9.83 1.25 22.17
N SER B 12 9.60 2.09 23.17
CA SER B 12 9.05 1.67 24.46
C SER B 12 7.76 0.85 24.32
N GLU B 13 6.93 1.20 23.34
CA GLU B 13 5.67 0.46 23.16
C GLU B 13 5.42 -0.04 21.74
N HIS B 14 6.51 -0.27 21.00
CA HIS B 14 6.41 -0.76 19.65
C HIS B 14 6.03 -2.25 19.66
N ARG B 15 5.18 -2.64 18.71
CA ARG B 15 4.77 -4.03 18.58
C ARG B 15 5.71 -4.74 17.63
N ILE B 16 6.33 -3.97 16.74
CA ILE B 16 7.27 -4.54 15.80
C ILE B 16 8.47 -3.62 15.72
N HIS B 17 9.59 -4.04 16.29
CA HIS B 17 10.77 -3.22 16.28
C HIS B 17 11.48 -3.24 14.95
N ASN B 18 10.77 -2.87 13.90
CA ASN B 18 11.35 -2.79 12.57
C ASN B 18 10.29 -2.23 11.65
N PRO B 19 10.67 -1.85 10.43
CA PRO B 19 9.71 -1.30 9.50
C PRO B 19 8.47 -2.15 9.28
N PHE B 20 8.62 -3.47 9.29
CA PHE B 20 7.49 -4.37 9.06
C PHE B 20 6.19 -3.98 9.77
N THR B 21 5.07 -4.31 9.15
CA THR B 21 3.77 -4.03 9.76
C THR B 21 3.18 -5.35 10.20
N GLU B 22 2.05 -5.27 10.86
CA GLU B 22 1.39 -6.48 11.30
C GLU B 22 1.09 -7.31 10.04
N GLU B 23 0.54 -6.65 9.02
CA GLU B 23 0.15 -7.29 7.75
C GLU B 23 1.34 -7.89 7.03
N LYS B 24 2.51 -7.30 7.22
CA LYS B 24 3.73 -7.77 6.57
C LYS B 24 4.21 -9.09 7.14
N TYR B 25 4.15 -9.22 8.46
CA TYR B 25 4.56 -10.47 9.09
C TYR B 25 3.60 -11.60 8.74
N ALA B 26 2.33 -11.29 8.54
CA ALA B 26 1.40 -12.36 8.21
C ALA B 26 1.59 -12.84 6.77
N THR B 27 1.97 -11.92 5.87
CA THR B 27 2.20 -12.23 4.44
C THR B 27 3.44 -13.10 4.23
N LEU B 28 4.49 -12.84 5.02
CA LEU B 28 5.71 -13.59 4.93
C LEU B 28 5.34 -15.04 5.31
N GLY B 29 4.63 -15.18 6.41
CA GLY B 29 4.22 -16.51 6.82
C GLY B 29 3.50 -17.31 5.76
N ARG B 30 2.41 -16.78 5.18
CA ARG B 30 1.68 -17.57 4.20
C ARG B 30 2.44 -17.78 2.91
N VAL B 31 3.25 -16.79 2.57
CA VAL B 31 4.04 -16.81 1.35
C VAL B 31 5.10 -17.90 1.44
N LEU B 32 5.49 -18.22 2.67
CA LEU B 32 6.50 -19.23 2.87
C LEU B 32 5.88 -20.63 2.74
N ARG B 33 4.57 -20.65 2.47
CA ARG B 33 3.82 -21.91 2.32
C ARG B 33 4.28 -22.98 3.30
N MSE B 34 4.39 -22.62 4.57
CA MSE B 34 4.80 -23.58 5.61
C MSE B 34 3.62 -24.47 5.97
O MSE B 34 2.52 -24.30 5.45
CB MSE B 34 5.28 -22.86 6.86
CG MSE B 34 6.49 -21.96 6.69
SE MSE B 34 7.07 -21.17 8.38
CE MSE B 34 5.41 -20.27 8.86
N LYS B 35 3.86 -25.41 6.88
CA LYS B 35 2.80 -26.32 7.32
C LYS B 35 2.95 -26.72 8.80
N PRO B 36 1.88 -27.27 9.40
CA PRO B 36 1.93 -27.69 10.80
C PRO B 36 3.03 -28.72 11.08
N GLY B 37 4.06 -28.31 11.84
CA GLY B 37 5.15 -29.21 12.16
C GLY B 37 6.48 -28.59 11.82
N THR B 38 6.46 -27.30 11.49
CA THR B 38 7.68 -26.61 11.14
C THR B 38 8.36 -26.09 12.40
N ARG B 39 9.69 -26.10 12.42
CA ARG B 39 10.42 -25.63 13.59
C ARG B 39 11.35 -24.47 13.27
N ILE B 40 11.17 -23.36 13.97
CA ILE B 40 12.01 -22.21 13.69
C ILE B 40 12.95 -21.83 14.83
N LEU B 41 13.90 -20.96 14.51
CA LEU B 41 14.86 -20.46 15.47
C LEU B 41 15.04 -18.99 15.11
N ASP B 42 14.43 -18.09 15.89
CA ASP B 42 14.53 -16.68 15.56
C ASP B 42 15.68 -15.96 16.28
N LEU B 43 16.90 -16.09 15.76
CA LEU B 43 18.04 -15.42 16.36
C LEU B 43 17.86 -13.93 16.16
N GLY B 44 17.28 -13.28 17.16
CA GLY B 44 17.01 -11.86 17.11
C GLY B 44 15.50 -11.68 17.22
N SER B 45 14.86 -12.62 17.90
CA SER B 45 13.41 -12.63 18.11
C SER B 45 12.82 -11.24 18.28
N GLY B 46 13.44 -10.43 19.14
CA GLY B 46 12.95 -9.09 19.39
C GLY B 46 11.56 -9.10 20.00
N SER B 47 10.69 -8.24 19.48
CA SER B 47 9.31 -8.13 19.96
C SER B 47 8.68 -9.53 20.10
N GLY B 48 9.03 -10.43 19.20
CA GLY B 48 8.52 -11.80 19.25
C GLY B 48 7.21 -12.02 18.52
N GLU B 49 6.74 -10.99 17.81
CA GLU B 49 5.49 -11.08 17.08
C GLU B 49 5.50 -12.17 16.01
N MSE B 50 6.62 -12.30 15.30
CA MSE B 50 6.70 -13.29 14.24
C MSE B 50 6.28 -14.68 14.68
O MSE B 50 5.31 -15.22 14.16
CB MSE B 50 8.11 -13.31 13.67
CG MSE B 50 8.19 -13.92 12.28
SE MSE B 50 10.01 -13.91 11.59
CE MSE B 50 10.61 -15.59 12.38
N LEU B 51 6.99 -15.27 15.63
CA LEU B 51 6.65 -16.61 16.09
C LEU B 51 5.22 -16.74 16.61
N CYS B 52 4.85 -15.88 17.56
CA CYS B 52 3.52 -15.90 18.15
C CYS B 52 2.45 -15.92 17.08
N THR B 53 2.53 -14.95 16.18
CA THR B 53 1.61 -14.82 15.05
C THR B 53 1.50 -16.11 14.23
N TRP B 54 2.63 -16.55 13.68
CA TRP B 54 2.64 -17.76 12.87
C TRP B 54 2.16 -18.96 13.68
N ALA B 55 2.57 -18.99 14.94
CA ALA B 55 2.18 -20.07 15.83
C ALA B 55 0.66 -20.21 15.85
N ARG B 56 -0.03 -19.08 15.80
CA ARG B 56 -1.48 -19.11 15.83
C ARG B 56 -2.10 -19.48 14.49
N ASP B 57 -1.93 -18.60 13.50
CA ASP B 57 -2.50 -18.78 12.15
C ASP B 57 -1.85 -19.88 11.29
N HIS B 58 -0.85 -20.57 11.84
CA HIS B 58 -0.13 -21.63 11.11
C HIS B 58 0.23 -22.83 11.97
N GLY B 59 -0.18 -22.83 13.24
CA GLY B 59 0.13 -23.94 14.12
C GLY B 59 1.53 -24.44 13.86
N ILE B 60 2.53 -23.63 14.18
CA ILE B 60 3.93 -23.99 13.96
C ILE B 60 4.75 -23.87 15.24
N THR B 61 5.65 -24.82 15.45
CA THR B 61 6.51 -24.83 16.64
C THR B 61 7.58 -23.77 16.48
N GLY B 62 8.61 -23.81 17.33
CA GLY B 62 9.67 -22.83 17.22
C GLY B 62 10.25 -22.36 18.54
N THR B 63 11.24 -21.48 18.47
CA THR B 63 11.91 -20.95 19.65
C THR B 63 12.74 -19.73 19.30
N GLY B 64 12.44 -18.62 19.95
CA GLY B 64 13.17 -17.39 19.67
C GLY B 64 14.25 -17.08 20.69
N ILE B 65 15.26 -16.34 20.23
CA ILE B 65 16.38 -15.95 21.09
C ILE B 65 16.61 -14.45 20.93
N ASP B 66 17.09 -13.82 22.00
CA ASP B 66 17.36 -12.39 21.98
C ASP B 66 18.07 -11.95 23.27
N MSE B 67 17.28 -11.65 24.30
CA MSE B 67 17.85 -11.23 25.59
C MSE B 67 17.49 -12.21 26.70
O MSE B 67 18.12 -12.22 27.76
CB MSE B 67 17.33 -9.83 25.94
CG MSE B 67 18.39 -8.72 25.89
SE MSE B 67 19.27 -8.51 24.16
CE MSE B 67 20.91 -9.48 24.52
N LEU B 70 15.57 -5.85 27.53
CA LEU B 70 15.10 -7.22 27.73
C LEU B 70 13.71 -7.37 27.10
N PHE B 71 13.69 -7.38 25.77
CA PHE B 71 12.44 -7.55 25.01
C PHE B 71 11.97 -8.99 25.07
N THR B 72 12.82 -9.88 25.57
CA THR B 72 12.49 -11.28 25.70
C THR B 72 11.27 -11.42 26.58
N ALA B 73 11.13 -10.50 27.54
CA ALA B 73 10.00 -10.48 28.47
C ALA B 73 8.74 -10.11 27.71
N GLN B 74 8.85 -9.07 26.90
CA GLN B 74 7.76 -8.57 26.08
C GLN B 74 7.23 -9.65 25.14
N ALA B 75 8.16 -10.40 24.55
CA ALA B 75 7.80 -11.48 23.62
C ALA B 75 7.05 -12.60 24.34
N LYS B 76 7.29 -12.73 25.64
CA LYS B 76 6.65 -13.76 26.44
C LYS B 76 5.17 -13.50 26.59
N ARG B 77 4.81 -12.23 26.77
CA ARG B 77 3.43 -11.82 26.92
C ARG B 77 2.53 -12.41 25.83
N ARG B 78 2.79 -12.00 24.59
CA ARG B 78 2.03 -12.45 23.40
C ARG B 78 1.75 -13.94 23.40
N ALA B 79 2.76 -14.73 23.75
CA ALA B 79 2.58 -16.17 23.76
C ALA B 79 1.42 -16.61 24.63
N GLU B 80 1.38 -16.12 25.87
CA GLU B 80 0.34 -16.47 26.81
C GLU B 80 -1.01 -15.86 26.42
N GLU B 81 -0.94 -14.64 25.88
CA GLU B 81 -2.11 -13.89 25.46
C GLU B 81 -2.79 -14.38 24.18
N LEU B 82 -2.00 -14.97 23.27
CA LEU B 82 -2.53 -15.45 22.00
C LEU B 82 -3.36 -16.73 22.05
N GLY B 83 -3.05 -17.60 23.00
CA GLY B 83 -3.79 -18.85 23.09
C GLY B 83 -2.90 -19.96 22.62
N VAL B 84 -1.72 -19.59 22.14
CA VAL B 84 -0.74 -20.57 21.68
C VAL B 84 -0.16 -21.20 22.92
N SER B 85 0.56 -20.39 23.69
CA SER B 85 1.17 -20.85 24.93
C SER B 85 2.05 -22.07 24.74
N GLU B 86 3.35 -21.87 24.86
CA GLU B 86 4.30 -22.95 24.73
C GLU B 86 4.14 -23.80 23.47
N ARG B 87 4.16 -23.11 22.33
CA ARG B 87 4.09 -23.72 21.01
C ARG B 87 5.35 -23.13 20.42
N VAL B 88 5.81 -22.07 21.08
CA VAL B 88 7.01 -21.32 20.74
C VAL B 88 7.56 -20.80 22.06
N HIS B 89 8.88 -20.66 22.18
CA HIS B 89 9.49 -20.19 23.42
C HIS B 89 10.49 -19.06 23.19
N PHE B 90 10.98 -18.45 24.26
CA PHE B 90 11.93 -17.35 24.16
C PHE B 90 12.97 -17.40 25.27
N ILE B 91 14.19 -16.96 24.96
CA ILE B 91 15.27 -16.96 25.92
C ILE B 91 16.38 -16.00 25.45
N TYR B 98 25.25 -18.71 18.68
CA TYR B 98 24.25 -19.65 19.21
C TYR B 98 23.99 -20.77 18.21
N VAL B 99 23.82 -21.98 18.72
CA VAL B 99 23.55 -23.15 17.90
C VAL B 99 22.47 -24.04 18.51
N ALA B 100 21.64 -24.66 17.67
CA ALA B 100 20.57 -25.54 18.12
C ALA B 100 20.92 -26.98 17.78
N ASN B 101 20.68 -27.89 18.72
CA ASN B 101 20.99 -29.30 18.51
C ASN B 101 19.84 -30.07 17.86
N GLU B 102 18.96 -29.36 17.17
CA GLU B 102 17.83 -29.99 16.49
C GLU B 102 17.74 -29.58 15.02
N LYS B 103 18.59 -28.64 14.60
CA LYS B 103 18.61 -28.16 13.23
C LYS B 103 17.20 -27.79 12.77
N CYS B 104 16.73 -26.62 13.20
CA CYS B 104 15.39 -26.15 12.86
C CYS B 104 15.02 -26.35 11.40
N ASP B 105 13.74 -26.57 11.16
CA ASP B 105 13.21 -26.78 9.81
C ASP B 105 13.34 -25.48 9.04
N VAL B 106 13.62 -24.39 9.76
CA VAL B 106 13.78 -23.05 9.19
C VAL B 106 14.34 -22.05 10.20
N ALA B 107 15.58 -21.62 9.98
CA ALA B 107 16.24 -20.66 10.85
C ALA B 107 15.80 -19.25 10.44
N ALA B 108 16.31 -18.24 11.14
CA ALA B 108 15.97 -16.83 10.84
C ALA B 108 16.80 -15.82 11.63
N CYS B 109 17.01 -14.65 11.04
CA CYS B 109 17.73 -13.59 11.72
C CYS B 109 17.14 -12.25 11.33
N VAL B 110 15.94 -11.99 11.83
CA VAL B 110 15.21 -10.75 11.56
C VAL B 110 15.68 -9.61 12.47
N GLY B 111 16.21 -8.56 11.87
CA GLY B 111 16.68 -7.41 12.63
C GLY B 111 18.18 -7.46 12.87
N ALA B 120 25.70 -9.88 4.37
CA ALA B 120 25.25 -10.65 5.52
C ALA B 120 26.37 -10.90 6.53
N GLY B 121 26.72 -12.17 6.74
CA GLY B 121 27.75 -12.51 7.68
C GLY B 121 27.20 -13.40 8.78
N ALA B 122 25.94 -13.18 9.13
CA ALA B 122 25.28 -13.97 10.16
C ALA B 122 24.94 -15.34 9.58
N GLU B 123 25.36 -15.57 8.33
CA GLU B 123 25.13 -16.83 7.64
C GLU B 123 25.81 -18.00 8.35
N GLU B 124 26.97 -17.75 8.92
CA GLU B 124 27.72 -18.79 9.63
C GLU B 124 26.94 -19.36 10.80
N LEU B 125 26.02 -18.57 11.35
CA LEU B 125 25.22 -19.01 12.47
C LEU B 125 24.03 -19.86 12.02
N LEU B 126 23.07 -19.22 11.35
CA LEU B 126 21.87 -19.93 10.90
C LEU B 126 22.21 -21.27 10.27
N ALA B 127 23.37 -21.34 9.64
CA ALA B 127 23.81 -22.57 9.00
C ALA B 127 23.99 -23.69 10.02
N GLN B 128 24.70 -23.38 11.10
CA GLN B 128 24.97 -24.37 12.13
C GLN B 128 23.73 -24.75 12.94
N SER B 129 22.56 -24.31 12.48
CA SER B 129 21.32 -24.61 13.20
C SER B 129 20.14 -24.85 12.27
N LEU B 130 20.43 -25.12 11.00
CA LEU B 130 19.39 -25.38 10.00
C LEU B 130 19.59 -26.72 9.31
N LYS B 131 18.49 -27.42 9.05
CA LYS B 131 18.56 -28.71 8.39
C LYS B 131 18.78 -28.50 6.89
N PRO B 132 19.26 -29.54 6.17
CA PRO B 132 19.52 -29.45 4.73
C PRO B 132 18.24 -29.13 3.94
N GLY B 133 18.39 -28.37 2.85
CA GLY B 133 17.24 -28.01 2.06
C GLY B 133 16.23 -27.23 2.88
N GLY B 134 16.72 -26.52 3.89
CA GLY B 134 15.82 -25.76 4.75
C GLY B 134 15.71 -24.29 4.40
N ILE B 135 14.64 -23.65 4.86
CA ILE B 135 14.47 -22.25 4.58
C ILE B 135 15.19 -21.39 5.59
N MSE B 136 15.83 -20.34 5.09
CA MSE B 136 16.56 -19.40 5.96
C MSE B 136 16.08 -17.96 5.76
O MSE B 136 16.27 -17.38 4.71
CB MSE B 136 18.05 -19.47 5.69
CG MSE B 136 18.87 -18.49 6.53
SE MSE B 136 20.75 -18.75 6.28
CE MSE B 136 21.16 -17.14 5.30
N LEU B 137 15.46 -17.41 6.81
CA LEU B 137 14.96 -16.04 6.80
C LEU B 137 16.06 -15.11 7.28
N ILE B 138 16.18 -13.97 6.61
CA ILE B 138 17.20 -12.99 6.95
C ILE B 138 16.63 -11.58 6.85
N GLY B 139 16.50 -10.91 7.99
CA GLY B 139 16.01 -9.55 8.02
C GLY B 139 17.25 -8.68 7.92
N GLU B 140 17.39 -8.00 6.81
CA GLU B 140 18.56 -7.18 6.60
C GLU B 140 18.17 -5.88 5.95
N PRO B 141 18.68 -4.76 6.47
CA PRO B 141 18.40 -3.42 5.93
C PRO B 141 19.22 -3.16 4.67
N TYR B 142 18.83 -2.15 3.91
CA TYR B 142 19.54 -1.82 2.67
C TYR B 142 19.21 -0.43 2.18
N TRP B 143 19.87 -0.02 1.10
CA TRP B 143 19.66 1.29 0.51
C TRP B 143 18.57 1.29 -0.55
N ARG B 144 17.35 1.61 -0.13
CA ARG B 144 16.20 1.71 -1.04
C ARG B 144 16.57 2.70 -2.12
N GLN B 145 17.46 3.63 -1.78
CA GLN B 145 17.91 4.66 -2.71
C GLN B 145 19.22 5.21 -2.17
N LEU B 146 20.31 5.05 -2.92
CA LEU B 146 21.58 5.58 -2.45
C LEU B 146 21.46 7.04 -2.07
N PRO B 147 21.94 7.40 -0.87
CA PRO B 147 21.92 8.77 -0.34
C PRO B 147 22.75 9.66 -1.25
N ALA B 148 22.08 10.65 -1.82
CA ALA B 148 22.70 11.60 -2.75
C ALA B 148 24.14 11.93 -2.43
N THR B 149 24.47 12.06 -1.16
CA THR B 149 25.84 12.38 -0.78
C THR B 149 26.17 11.78 0.55
N GLU B 150 27.47 11.61 0.83
CA GLU B 150 27.89 11.02 2.10
C GLU B 150 27.20 11.64 3.30
N GLU B 151 27.31 12.96 3.40
CA GLU B 151 26.71 13.72 4.49
C GLU B 151 25.25 13.32 4.73
N ILE B 152 24.46 13.31 3.64
CA ILE B 152 23.06 12.93 3.72
C ILE B 152 22.99 11.60 4.44
N ALA B 153 23.82 10.66 4.01
CA ALA B 153 23.84 9.34 4.60
C ALA B 153 24.22 9.42 6.07
N GLN B 154 25.02 10.40 6.43
CA GLN B 154 25.45 10.50 7.82
C GLN B 154 24.31 11.07 8.65
N ALA B 155 23.51 11.93 8.01
CA ALA B 155 22.37 12.55 8.67
C ALA B 155 21.36 11.46 8.98
N CYS B 156 21.10 10.60 8.00
CA CYS B 156 20.15 9.51 8.21
C CYS B 156 20.49 8.71 9.44
N GLY B 157 21.71 8.91 9.95
CA GLY B 157 22.15 8.20 11.13
C GLY B 157 23.09 7.06 10.83
N VAL B 158 23.76 7.12 9.68
CA VAL B 158 24.69 6.06 9.34
C VAL B 158 26.10 6.59 9.14
N SER B 159 27.10 5.79 9.47
CA SER B 159 28.49 6.22 9.34
C SER B 159 28.83 6.64 7.92
N SER B 160 28.67 5.71 6.98
CA SER B 160 28.96 6.01 5.58
C SER B 160 28.09 5.21 4.63
N THR B 161 28.04 5.64 3.38
CA THR B 161 27.24 4.95 2.38
C THR B 161 27.58 3.49 2.29
N SER B 162 28.85 3.17 2.53
CA SER B 162 29.29 1.79 2.46
C SER B 162 28.77 0.95 3.61
N ASP B 163 27.98 1.52 4.50
CA ASP B 163 27.47 0.74 5.63
C ASP B 163 26.44 -0.28 5.17
N PHE B 164 25.64 0.11 4.19
CA PHE B 164 24.62 -0.76 3.64
C PHE B 164 24.83 -0.96 2.15
N LEU B 165 24.14 -1.95 1.59
CA LEU B 165 24.25 -2.24 0.16
C LEU B 165 22.89 -1.98 -0.49
N THR B 166 22.88 -1.78 -1.80
CA THR B 166 21.62 -1.55 -2.49
C THR B 166 20.80 -2.83 -2.45
N LEU B 167 19.55 -2.77 -2.92
CA LEU B 167 18.74 -3.99 -2.89
C LEU B 167 19.34 -5.08 -3.78
N PRO B 168 19.61 -4.78 -5.07
CA PRO B 168 20.18 -5.78 -5.95
C PRO B 168 21.54 -6.25 -5.45
N GLY B 169 22.28 -5.32 -4.85
CA GLY B 169 23.59 -5.66 -4.33
C GLY B 169 23.48 -6.70 -3.23
N LEU B 170 22.44 -6.57 -2.43
CA LEU B 170 22.22 -7.49 -1.34
C LEU B 170 21.76 -8.86 -1.85
N VAL B 171 20.89 -8.89 -2.87
CA VAL B 171 20.44 -10.17 -3.41
C VAL B 171 21.61 -10.83 -4.11
N GLY B 172 22.48 -10.00 -4.68
CA GLY B 172 23.63 -10.56 -5.35
C GLY B 172 24.58 -11.19 -4.35
N ALA B 173 24.60 -10.66 -3.13
CA ALA B 173 25.46 -11.19 -2.09
C ALA B 173 24.97 -12.57 -1.69
N PHE B 174 23.67 -12.72 -1.50
CA PHE B 174 23.12 -14.00 -1.10
C PHE B 174 23.44 -15.06 -2.14
N ASP B 175 23.30 -14.69 -3.40
CA ASP B 175 23.59 -15.61 -4.47
C ASP B 175 25.08 -16.04 -4.40
N ASP B 176 26.00 -15.08 -4.31
CA ASP B 176 27.42 -15.40 -4.24
C ASP B 176 27.80 -16.14 -2.96
N LEU B 177 26.79 -16.57 -2.22
CA LEU B 177 26.99 -17.30 -0.97
C LEU B 177 26.45 -18.72 -1.12
N GLY B 178 25.89 -19.00 -2.29
CA GLY B 178 25.32 -20.30 -2.53
C GLY B 178 23.82 -20.41 -2.40
N TYR B 179 23.19 -19.50 -1.67
CA TYR B 179 21.73 -19.60 -1.53
C TYR B 179 20.96 -18.93 -2.65
N ASP B 180 19.76 -19.43 -2.91
CA ASP B 180 18.96 -18.76 -3.90
C ASP B 180 17.76 -18.16 -3.17
N VAL B 181 17.39 -16.94 -3.57
CA VAL B 181 16.29 -16.24 -2.96
C VAL B 181 15.01 -16.91 -3.42
N VAL B 182 14.29 -17.55 -2.50
CA VAL B 182 13.07 -18.22 -2.92
C VAL B 182 11.85 -17.42 -2.56
N GLU B 183 12.03 -16.45 -1.67
CA GLU B 183 10.93 -15.60 -1.28
C GLU B 183 11.52 -14.34 -0.66
N MSE B 184 10.77 -13.27 -0.73
CA MSE B 184 11.26 -12.01 -0.19
C MSE B 184 10.13 -11.04 0.07
O MSE B 184 9.36 -10.70 -0.84
CB MSE B 184 12.25 -11.40 -1.19
CG MSE B 184 12.30 -9.90 -1.22
SE MSE B 184 13.40 -9.29 -2.66
CE MSE B 184 12.08 -8.61 -3.89
N VAL B 185 10.05 -10.57 1.31
CA VAL B 185 9.04 -9.61 1.72
C VAL B 185 9.68 -8.36 2.26
N LEU B 186 9.66 -7.30 1.47
CA LEU B 186 10.27 -6.02 1.85
C LEU B 186 9.27 -5.07 2.48
N ALA B 187 9.79 -4.03 3.11
CA ALA B 187 8.97 -3.03 3.76
C ALA B 187 8.71 -1.86 2.79
N ASP B 188 7.63 -1.11 3.05
CA ASP B 188 7.27 0.04 2.22
C ASP B 188 7.21 1.32 3.06
N GLN B 189 7.20 2.47 2.41
CA GLN B 189 7.13 3.77 3.11
C GLN B 189 6.11 3.71 4.25
N GLU B 190 4.88 3.31 3.94
CA GLU B 190 3.85 3.22 4.96
C GLU B 190 4.43 2.50 6.17
N GLY B 191 5.06 1.35 5.91
CA GLY B 191 5.63 0.58 6.99
C GLY B 191 6.60 1.38 7.81
N TRP B 192 7.42 2.17 7.12
CA TRP B 192 8.40 2.99 7.81
C TRP B 192 7.78 4.08 8.66
N ASP B 193 6.87 4.85 8.09
CA ASP B 193 6.22 5.90 8.85
C ASP B 193 5.75 5.26 10.15
N ARG B 194 4.88 4.26 10.04
CA ARG B 194 4.38 3.59 11.23
C ARG B 194 5.46 3.33 12.29
N TYR B 195 6.65 2.92 11.85
CA TYR B 195 7.77 2.63 12.77
C TYR B 195 8.46 3.86 13.35
N GLU B 196 8.67 4.84 12.48
CA GLU B 196 9.32 6.11 12.83
C GLU B 196 8.39 7.08 13.57
N ALA B 197 7.19 7.32 13.04
CA ALA B 197 6.25 8.25 13.67
C ALA B 197 5.95 7.84 15.11
N ALA B 198 5.53 6.60 15.29
CA ALA B 198 5.24 6.14 16.63
C ALA B 198 6.35 6.53 17.63
N LYS B 199 7.60 6.47 17.21
CA LYS B 199 8.67 6.81 18.16
C LYS B 199 8.52 8.22 18.71
N TRP B 200 8.10 9.15 17.85
CA TRP B 200 7.94 10.52 18.27
C TRP B 200 6.89 10.66 19.36
N LEU B 201 5.75 10.01 19.19
CA LEU B 201 4.70 10.09 20.19
C LEU B 201 5.13 9.46 21.50
N THR B 202 5.77 8.30 21.44
CA THR B 202 6.25 7.61 22.64
C THR B 202 7.24 8.46 23.42
N MSE B 203 8.12 9.16 22.70
CA MSE B 203 9.10 10.01 23.38
C MSE B 203 8.39 11.18 24.08
O MSE B 203 8.59 11.41 25.26
CB MSE B 203 10.16 10.55 22.40
CG MSE B 203 11.19 9.49 21.94
SE MSE B 203 12.74 10.28 21.01
CE MSE B 203 11.89 10.87 19.37
N ARG B 204 7.53 11.88 23.36
CA ARG B 204 6.81 13.01 23.94
C ARG B 204 5.92 12.59 25.11
N ARG B 205 5.63 11.31 25.22
CA ARG B 205 4.81 10.83 26.32
C ARG B 205 5.73 10.58 27.51
N TRP B 206 6.99 10.32 27.21
CA TRP B 206 7.98 10.07 28.25
C TRP B 206 8.43 11.38 28.87
N LEU B 207 8.57 12.41 28.03
CA LEU B 207 8.99 13.73 28.49
C LEU B 207 7.95 14.39 29.40
N GLU B 208 6.72 13.89 29.35
CA GLU B 208 5.64 14.43 30.17
C GLU B 208 5.36 13.52 31.36
N ALA B 209 6.07 12.41 31.41
CA ALA B 209 5.93 11.45 32.48
C ALA B 209 7.15 11.45 33.39
N ASN B 210 8.27 11.93 32.86
CA ASN B 210 9.52 11.99 33.63
C ASN B 210 10.30 13.27 33.33
N PRO B 211 9.65 14.45 33.44
CA PRO B 211 10.33 15.73 33.18
C PRO B 211 11.44 16.07 34.17
N ASP B 212 11.19 15.81 35.45
CA ASP B 212 12.17 16.10 36.48
C ASP B 212 13.08 14.92 36.75
N ASP B 213 13.55 14.29 35.68
CA ASP B 213 14.46 13.15 35.77
C ASP B 213 15.65 13.38 34.86
N ASP B 214 16.64 12.50 34.94
CA ASP B 214 17.84 12.61 34.12
C ASP B 214 17.65 11.94 32.77
N PHE B 215 18.41 12.40 31.79
CA PHE B 215 18.34 11.90 30.42
C PHE B 215 16.95 12.25 29.93
N ALA B 216 16.68 13.54 29.84
CA ALA B 216 15.39 14.04 29.40
C ALA B 216 15.67 15.22 28.50
N ALA B 217 16.67 16.00 28.89
CA ALA B 217 17.06 17.15 28.09
C ALA B 217 17.79 16.61 26.89
N GLU B 218 17.93 15.28 26.84
CA GLU B 218 18.57 14.63 25.72
C GLU B 218 17.50 13.98 24.88
N VAL B 219 16.50 13.40 25.55
CA VAL B 219 15.39 12.77 24.85
C VAL B 219 14.68 13.93 24.16
N ARG B 220 14.71 15.09 24.82
CA ARG B 220 14.11 16.30 24.30
C ARG B 220 14.84 16.71 23.02
N ALA B 221 16.10 16.32 22.93
CA ALA B 221 16.93 16.61 21.75
C ALA B 221 16.57 15.66 20.63
N GLU B 222 16.41 14.38 20.96
CA GLU B 222 16.04 13.40 19.95
C GLU B 222 14.78 13.90 19.26
N LEU B 223 13.68 14.00 20.02
CA LEU B 223 12.39 14.46 19.50
C LEU B 223 12.46 15.78 18.76
N ASN B 224 13.45 16.59 19.09
CA ASN B 224 13.60 17.88 18.44
C ASN B 224 14.06 17.70 17.01
N ILE B 225 14.73 16.59 16.74
CA ILE B 225 15.25 16.32 15.41
C ILE B 225 14.65 15.12 14.66
N ALA B 226 14.31 14.07 15.40
CA ALA B 226 13.75 12.84 14.85
C ALA B 226 12.77 13.03 13.70
N PRO B 227 11.75 13.90 13.88
CA PRO B 227 10.80 14.10 12.79
C PRO B 227 11.45 14.79 11.59
N LYS B 228 12.28 15.77 11.87
CA LYS B 228 12.96 16.51 10.82
C LYS B 228 13.93 15.61 10.07
N ARG B 229 14.70 14.85 10.83
CA ARG B 229 15.66 13.95 10.23
C ARG B 229 15.00 12.97 9.28
N TYR B 230 14.02 12.23 9.78
CA TYR B 230 13.32 11.21 8.99
C TYR B 230 12.75 11.70 7.67
N VAL B 231 11.78 12.61 7.72
CA VAL B 231 11.17 13.07 6.48
C VAL B 231 12.17 13.68 5.52
N THR B 232 13.24 14.27 6.05
CA THR B 232 14.26 14.92 5.21
C THR B 232 15.28 13.99 4.52
N TYR B 233 15.71 12.92 5.16
CA TYR B 233 16.70 12.03 4.55
C TYR B 233 16.31 10.55 4.50
N ALA B 234 16.01 9.99 5.66
CA ALA B 234 15.68 8.58 5.82
C ALA B 234 14.43 8.07 5.11
N ARG B 235 13.37 8.86 5.05
CA ARG B 235 12.15 8.40 4.43
C ARG B 235 12.32 7.89 3.00
N GLU B 236 13.40 8.21 2.33
CA GLU B 236 13.54 7.68 0.99
C GLU B 236 14.92 7.11 0.71
N CYS B 237 15.48 6.47 1.73
CA CYS B 237 16.80 5.87 1.61
C CYS B 237 16.82 4.57 2.36
N PHE B 238 16.26 4.62 3.56
CA PHE B 238 16.18 3.47 4.45
C PHE B 238 15.31 2.38 3.84
N GLY B 239 15.90 1.21 3.63
CA GLY B 239 15.16 0.10 3.08
C GLY B 239 15.35 -1.07 4.03
N TRP B 240 14.38 -1.99 4.07
CA TRP B 240 14.49 -3.17 4.94
C TRP B 240 13.62 -4.28 4.38
N GLY B 241 13.76 -5.48 4.95
CA GLY B 241 12.98 -6.61 4.52
C GLY B 241 13.63 -7.95 4.89
N VAL B 242 12.84 -9.02 4.91
CA VAL B 242 13.35 -10.34 5.23
C VAL B 242 13.45 -11.16 3.91
N PHE B 243 14.55 -11.90 3.75
CA PHE B 243 14.77 -12.71 2.57
C PHE B 243 14.84 -14.18 2.95
N ALA B 244 14.01 -15.00 2.30
CA ALA B 244 13.99 -16.43 2.56
C ALA B 244 14.99 -17.01 1.60
N LEU B 245 15.88 -17.85 2.11
CA LEU B 245 16.93 -18.43 1.29
C LEU B 245 17.08 -19.92 1.50
N ILE B 246 17.30 -20.66 0.41
CA ILE B 246 17.53 -22.09 0.52
C ILE B 246 18.88 -22.42 -0.14
N ALA B 247 19.76 -23.10 0.58
CA ALA B 247 21.07 -23.40 -0.02
C ALA B 247 20.99 -24.20 -1.31
N ARG B 248 21.99 -24.03 -2.18
CA ARG B 248 22.06 -24.76 -3.45
C ARG B 248 23.15 -25.82 -3.38
N LEU B 249 23.45 -26.48 -4.38
CA LEU B 249 24.53 -27.48 -4.30
C LEU B 249 23.97 -28.74 -3.63
N MSE C 1 -17.97 33.75 -4.54
CA MSE C 1 -16.77 32.90 -4.65
C MSE C 1 -17.13 31.49 -4.27
O MSE C 1 -16.50 30.88 -3.41
CB MSE C 1 -15.67 33.41 -3.70
CG MSE C 1 -14.28 33.52 -4.32
SE MSE C 1 -13.47 31.86 -4.93
CE MSE C 1 -12.47 31.38 -3.35
N ASP C 2 -18.17 30.96 -4.90
CA ASP C 2 -18.64 29.60 -4.61
C ASP C 2 -17.65 28.53 -5.09
N ILE C 3 -18.12 27.29 -5.14
CA ILE C 3 -17.28 26.19 -5.57
C ILE C 3 -17.52 25.97 -7.07
N PRO C 4 -16.44 25.82 -7.85
CA PRO C 4 -16.51 25.59 -9.29
C PRO C 4 -17.39 24.39 -9.63
N ARG C 5 -18.28 24.55 -10.60
CA ARG C 5 -19.17 23.46 -11.01
C ARG C 5 -18.40 22.15 -11.16
N ILE C 6 -17.33 22.17 -11.98
CA ILE C 6 -16.53 20.96 -12.21
C ILE C 6 -16.24 20.15 -10.95
N PHE C 7 -15.69 20.80 -9.93
CA PHE C 7 -15.35 20.14 -8.68
C PHE C 7 -16.53 19.35 -8.11
N THR C 8 -17.63 20.05 -7.91
CA THR C 8 -18.86 19.49 -7.37
C THR C 8 -19.45 18.41 -8.25
N ILE C 9 -19.43 18.65 -9.56
CA ILE C 9 -19.96 17.69 -10.51
C ILE C 9 -19.10 16.43 -10.56
N SER C 10 -17.79 16.58 -10.43
CA SER C 10 -16.92 15.43 -10.52
C SER C 10 -16.53 14.86 -9.16
N GLU C 11 -17.37 15.03 -8.15
CA GLU C 11 -17.04 14.49 -6.84
C GLU C 11 -18.28 14.15 -6.05
N SER C 12 -19.42 14.22 -6.71
CA SER C 12 -20.70 13.94 -6.08
C SER C 12 -20.87 12.49 -5.63
N GLU C 13 -19.98 11.61 -6.07
CA GLU C 13 -20.07 10.22 -5.68
C GLU C 13 -19.00 9.89 -4.66
N HIS C 14 -17.98 10.74 -4.55
CA HIS C 14 -16.91 10.48 -3.59
C HIS C 14 -17.43 10.36 -2.16
N ARG C 15 -16.85 9.41 -1.43
CA ARG C 15 -17.24 9.19 -0.04
C ARG C 15 -16.16 9.80 0.86
N ILE C 16 -15.07 10.24 0.23
CA ILE C 16 -13.91 10.88 0.87
C ILE C 16 -13.39 11.93 -0.11
N HIS C 17 -13.29 13.18 0.31
CA HIS C 17 -12.81 14.25 -0.58
C HIS C 17 -11.32 14.54 -0.45
N ASN C 18 -10.52 13.49 -0.34
CA ASN C 18 -9.08 13.60 -0.26
C ASN C 18 -8.49 12.21 -0.47
N PRO C 19 -7.17 12.12 -0.64
CA PRO C 19 -6.47 10.86 -0.85
C PRO C 19 -6.67 9.80 0.22
N PHE C 20 -6.97 10.22 1.44
CA PHE C 20 -7.18 9.24 2.52
C PHE C 20 -8.21 8.18 2.17
N THR C 21 -8.03 6.99 2.73
CA THR C 21 -8.97 5.89 2.51
C THR C 21 -9.50 5.45 3.86
N GLU C 22 -10.50 4.58 3.87
CA GLU C 22 -11.02 4.11 5.14
C GLU C 22 -9.87 3.59 6.02
N GLU C 23 -9.04 2.71 5.47
CA GLU C 23 -7.92 2.14 6.20
C GLU C 23 -7.03 3.21 6.84
N LYS C 24 -6.86 4.34 6.13
CA LYS C 24 -6.05 5.44 6.62
C LYS C 24 -6.65 6.12 7.86
N TYR C 25 -7.92 6.51 7.80
CA TYR C 25 -8.58 7.12 8.94
C TYR C 25 -8.55 6.11 10.12
N ALA C 26 -8.82 4.84 9.80
CA ALA C 26 -8.82 3.78 10.80
C ALA C 26 -7.46 3.72 11.48
N THR C 27 -6.40 3.77 10.68
CA THR C 27 -5.06 3.73 11.23
C THR C 27 -4.81 4.96 12.08
N LEU C 28 -5.21 6.12 11.57
CA LEU C 28 -5.01 7.37 12.28
C LEU C 28 -5.43 7.27 13.73
N GLY C 29 -6.71 6.97 13.95
CA GLY C 29 -7.22 6.85 15.29
C GLY C 29 -6.50 5.79 16.10
N ARG C 30 -5.86 4.85 15.44
CA ARG C 30 -5.17 3.78 16.14
C ARG C 30 -3.84 4.27 16.67
N VAL C 31 -3.04 4.89 15.81
CA VAL C 31 -1.72 5.37 16.22
C VAL C 31 -1.86 6.46 17.27
N LEU C 32 -3.00 7.12 17.29
CA LEU C 32 -3.24 8.18 18.24
C LEU C 32 -3.34 7.62 19.66
N ARG C 33 -3.46 6.29 19.76
CA ARG C 33 -3.57 5.60 21.04
C ARG C 33 -4.47 6.37 22.03
N MSE C 34 -5.68 6.70 21.59
CA MSE C 34 -6.61 7.42 22.45
C MSE C 34 -7.36 6.47 23.40
O MSE C 34 -7.86 5.43 22.98
CB MSE C 34 -7.60 8.20 21.60
CG MSE C 34 -6.94 9.02 20.49
SE MSE C 34 -8.23 9.88 19.31
CE MSE C 34 -9.00 8.31 18.46
N LYS C 35 -7.40 6.83 24.68
CA LYS C 35 -8.10 6.02 25.67
C LYS C 35 -9.57 6.36 25.61
N PRO C 36 -10.43 5.36 25.82
CA PRO C 36 -11.87 5.61 25.77
C PRO C 36 -12.25 6.81 26.61
N GLY C 37 -13.07 7.69 26.04
CA GLY C 37 -13.49 8.89 26.76
C GLY C 37 -12.83 10.15 26.23
N THR C 38 -11.71 9.99 25.53
CA THR C 38 -11.01 11.12 24.95
C THR C 38 -11.98 11.97 24.16
N ARG C 39 -12.20 13.21 24.59
CA ARG C 39 -13.11 14.09 23.86
C ARG C 39 -12.42 14.58 22.59
N ILE C 40 -13.18 14.78 21.52
CA ILE C 40 -12.59 15.25 20.27
C ILE C 40 -13.42 16.33 19.61
N LEU C 41 -12.75 17.36 19.11
CA LEU C 41 -13.42 18.44 18.39
C LEU C 41 -13.00 18.23 16.93
N ASP C 42 -13.97 18.17 16.02
CA ASP C 42 -13.64 17.94 14.62
C ASP C 42 -14.27 18.98 13.70
N LEU C 43 -13.50 19.98 13.29
CA LEU C 43 -13.99 21.02 12.40
C LEU C 43 -14.03 20.54 10.96
N GLY C 44 -15.19 20.59 10.33
CA GLY C 44 -15.29 20.11 8.97
C GLY C 44 -15.51 18.62 8.98
N SER C 45 -16.35 18.18 9.90
CA SER C 45 -16.68 16.78 10.06
C SER C 45 -17.38 16.18 8.83
N GLY C 46 -17.92 17.04 7.97
CA GLY C 46 -18.60 16.55 6.79
C GLY C 46 -19.52 15.37 7.05
N SER C 47 -19.24 14.24 6.41
CA SER C 47 -20.03 13.02 6.56
C SER C 47 -20.13 12.54 8.00
N GLY C 48 -19.12 12.90 8.79
CA GLY C 48 -19.10 12.51 10.19
C GLY C 48 -18.54 11.12 10.39
N GLU C 49 -18.00 10.54 9.32
CA GLU C 49 -17.43 9.21 9.38
C GLU C 49 -16.31 9.11 10.42
N MSE C 50 -15.25 9.92 10.29
CA MSE C 50 -14.13 9.89 11.23
C MSE C 50 -14.57 9.80 12.70
O MSE C 50 -14.24 8.85 13.41
CB MSE C 50 -13.25 11.13 11.05
CG MSE C 50 -11.81 10.96 11.51
SE MSE C 50 -10.78 12.66 11.54
CE MSE C 50 -11.47 13.49 9.91
N LEU C 51 -15.33 10.79 13.15
CA LEU C 51 -15.79 10.80 14.53
C LEU C 51 -16.63 9.60 14.86
N CYS C 52 -17.56 9.25 13.97
CA CYS C 52 -18.44 8.11 14.21
C CYS C 52 -17.68 6.81 14.32
N THR C 53 -16.86 6.54 13.32
CA THR C 53 -16.10 5.31 13.29
C THR C 53 -15.16 5.20 14.48
N TRP C 54 -14.48 6.29 14.83
CA TRP C 54 -13.58 6.27 15.99
C TRP C 54 -14.34 6.06 17.28
N ALA C 55 -15.55 6.62 17.33
CA ALA C 55 -16.42 6.52 18.50
C ALA C 55 -16.77 5.09 18.81
N ARG C 56 -16.90 4.27 17.77
CA ARG C 56 -17.24 2.88 17.98
C ARG C 56 -15.99 2.02 18.17
N ASP C 57 -14.90 2.36 17.52
CA ASP C 57 -13.70 1.55 17.67
C ASP C 57 -12.92 1.82 18.94
N HIS C 58 -12.48 3.05 19.09
CA HIS C 58 -11.71 3.44 20.26
C HIS C 58 -12.62 3.95 21.36
N GLY C 59 -13.92 3.86 21.13
CA GLY C 59 -14.90 4.32 22.10
C GLY C 59 -14.62 5.68 22.70
N ILE C 60 -14.77 6.74 21.91
CA ILE C 60 -14.51 8.06 22.45
C ILE C 60 -15.68 9.03 22.32
N THR C 61 -15.53 10.21 22.91
CA THR C 61 -16.59 11.21 22.84
C THR C 61 -16.18 12.21 21.76
N GLY C 62 -17.12 13.00 21.25
CA GLY C 62 -16.74 13.94 20.24
C GLY C 62 -17.87 14.78 19.72
N THR C 63 -17.51 15.82 18.97
CA THR C 63 -18.49 16.72 18.40
C THR C 63 -17.97 17.30 17.09
N GLY C 64 -18.78 17.21 16.04
CA GLY C 64 -18.38 17.70 14.73
C GLY C 64 -19.08 18.98 14.34
N ILE C 65 -18.36 19.87 13.69
CA ILE C 65 -18.93 21.14 13.28
C ILE C 65 -18.95 21.19 11.77
N ASP C 66 -19.99 20.63 11.17
CA ASP C 66 -20.05 20.61 9.71
C ASP C 66 -20.51 21.90 9.07
N MSE C 67 -19.82 22.23 7.98
CA MSE C 67 -20.08 23.44 7.23
C MSE C 67 -20.27 23.12 5.74
O MSE C 67 -19.94 23.94 4.89
CB MSE C 67 -18.90 24.39 7.47
CG MSE C 67 -17.55 23.66 7.55
SE MSE C 67 -16.02 24.56 8.44
CE MSE C 67 -16.31 24.01 10.27
N SER C 68 -20.82 21.95 5.44
CA SER C 68 -21.03 21.55 4.04
C SER C 68 -22.46 21.14 3.71
N SER C 69 -23.36 21.19 4.69
CA SER C 69 -24.73 20.81 4.45
C SER C 69 -25.74 21.56 5.31
N LEU C 70 -26.94 21.75 4.76
CA LEU C 70 -28.01 22.45 5.48
C LEU C 70 -28.35 21.71 6.76
N PHE C 71 -28.72 20.44 6.62
CA PHE C 71 -29.06 19.59 7.75
C PHE C 71 -27.91 18.58 7.84
N THR C 72 -27.55 18.20 9.06
CA THR C 72 -26.48 17.21 9.25
C THR C 72 -27.04 15.99 9.96
N ALA C 73 -28.27 15.63 9.57
CA ALA C 73 -28.92 14.47 10.13
C ALA C 73 -28.42 13.27 9.34
N GLN C 74 -27.56 13.54 8.35
CA GLN C 74 -26.99 12.50 7.52
C GLN C 74 -25.86 11.85 8.31
N ALA C 75 -25.33 12.59 9.26
CA ALA C 75 -24.24 12.12 10.11
C ALA C 75 -24.83 11.76 11.47
N LYS C 76 -25.88 12.47 11.86
CA LYS C 76 -26.54 12.21 13.14
C LYS C 76 -27.19 10.84 13.11
N ARG C 77 -27.68 10.45 11.94
CA ARG C 77 -28.32 9.15 11.74
C ARG C 77 -27.22 8.13 11.54
N ARG C 78 -26.03 8.62 11.23
CA ARG C 78 -24.87 7.77 11.03
C ARG C 78 -24.37 7.24 12.36
N ALA C 79 -24.46 8.09 13.39
CA ALA C 79 -24.02 7.71 14.72
C ALA C 79 -25.06 6.77 15.31
N GLU C 80 -26.32 6.98 14.93
CA GLU C 80 -27.42 6.15 15.39
C GLU C 80 -27.25 4.78 14.75
N GLU C 81 -26.89 4.78 13.46
CA GLU C 81 -26.69 3.56 12.69
C GLU C 81 -25.60 2.70 13.30
N LEU C 82 -24.61 3.34 13.88
CA LEU C 82 -23.52 2.62 14.50
C LEU C 82 -23.74 2.45 16.00
N GLY C 83 -24.89 2.90 16.51
CA GLY C 83 -25.16 2.77 17.93
C GLY C 83 -24.14 3.51 18.78
N VAL C 84 -23.95 4.78 18.49
CA VAL C 84 -23.00 5.56 19.25
C VAL C 84 -23.38 7.04 19.23
N SER C 85 -24.65 7.31 18.99
CA SER C 85 -25.17 8.67 18.93
C SER C 85 -25.28 9.31 20.31
N GLU C 86 -24.76 8.63 21.31
CA GLU C 86 -24.81 9.14 22.68
C GLU C 86 -23.43 9.68 23.01
N ARG C 87 -22.46 9.38 22.16
CA ARG C 87 -21.09 9.82 22.35
C ARG C 87 -20.70 10.94 21.40
N VAL C 88 -21.09 10.80 20.13
CA VAL C 88 -20.77 11.79 19.12
C VAL C 88 -21.90 12.77 18.80
N HIS C 89 -21.61 14.06 18.94
CA HIS C 89 -22.60 15.10 18.68
C HIS C 89 -22.25 15.91 17.42
N PHE C 90 -23.26 16.42 16.72
CA PHE C 90 -23.02 17.19 15.51
C PHE C 90 -23.81 18.49 15.52
N ILE C 91 -23.24 19.55 14.96
CA ILE C 91 -23.90 20.84 14.93
C ILE C 91 -23.65 21.55 13.63
N HIS C 92 -24.73 21.96 12.99
CA HIS C 92 -24.63 22.66 11.72
C HIS C 92 -24.08 24.07 11.97
N ASN C 93 -22.78 24.18 12.21
CA ASN C 93 -22.16 25.48 12.45
C ASN C 93 -20.97 25.70 11.54
N ASP C 94 -20.69 26.94 11.17
CA ASP C 94 -19.57 27.18 10.29
C ASP C 94 -18.37 27.84 10.96
N ALA C 95 -17.42 27.00 11.36
CA ALA C 95 -16.17 27.43 12.00
C ALA C 95 -16.33 28.51 13.08
N ALA C 96 -15.84 29.71 12.78
CA ALA C 96 -15.90 30.84 13.69
C ALA C 96 -17.26 30.97 14.39
N GLY C 97 -17.29 31.70 15.51
CA GLY C 97 -18.52 31.86 16.25
C GLY C 97 -18.84 30.57 16.99
N TYR C 98 -17.85 30.05 17.69
CA TYR C 98 -18.01 28.81 18.46
C TYR C 98 -17.09 28.73 19.67
N VAL C 99 -17.63 28.26 20.79
CA VAL C 99 -16.86 28.09 22.03
C VAL C 99 -17.29 26.80 22.70
N ALA C 100 -16.34 25.92 22.97
CA ALA C 100 -16.66 24.64 23.58
C ALA C 100 -16.92 24.75 25.07
N ASN C 101 -17.76 23.84 25.56
CA ASN C 101 -18.09 23.79 26.96
C ASN C 101 -16.78 23.56 27.70
N GLU C 102 -16.16 22.41 27.44
CA GLU C 102 -14.89 22.07 28.06
C GLU C 102 -13.88 21.74 26.99
N LYS C 103 -12.60 21.93 27.30
CA LYS C 103 -11.53 21.66 26.36
C LYS C 103 -11.60 20.19 25.91
N CYS C 104 -10.92 19.87 24.83
CA CYS C 104 -10.90 18.50 24.37
C CYS C 104 -9.45 18.07 24.27
N ASP C 105 -9.26 16.79 23.99
CA ASP C 105 -7.94 16.18 23.87
C ASP C 105 -7.43 16.07 22.44
N VAL C 106 -8.35 16.10 21.48
CA VAL C 106 -7.96 16.00 20.10
C VAL C 106 -8.79 16.94 19.23
N ALA C 107 -8.15 17.92 18.62
CA ALA C 107 -8.87 18.86 17.77
C ALA C 107 -8.47 18.58 16.33
N ALA C 108 -9.39 18.10 15.53
CA ALA C 108 -9.04 17.79 14.16
C ALA C 108 -9.63 18.71 13.13
N CYS C 109 -8.91 18.89 12.04
CA CYS C 109 -9.38 19.68 10.92
C CYS C 109 -8.62 19.29 9.68
N VAL C 110 -9.10 18.27 8.99
CA VAL C 110 -8.43 17.81 7.79
C VAL C 110 -8.62 18.77 6.61
N GLY C 111 -9.55 19.71 6.73
CA GLY C 111 -9.79 20.66 5.65
C GLY C 111 -10.68 20.04 4.59
N ALA C 112 -11.68 20.81 4.14
CA ALA C 112 -12.64 20.36 3.12
C ALA C 112 -11.89 19.70 1.97
N THR C 113 -11.39 20.54 1.08
CA THR C 113 -10.62 20.09 -0.07
C THR C 113 -9.21 19.79 0.44
N TRP C 114 -8.54 18.86 -0.23
CA TRP C 114 -7.19 18.45 0.12
C TRP C 114 -6.22 19.58 -0.21
N ILE C 115 -6.63 20.48 -1.09
CA ILE C 115 -5.77 21.57 -1.48
C ILE C 115 -5.70 22.66 -0.43
N ALA C 116 -6.85 22.94 0.16
CA ALA C 116 -6.92 23.99 1.18
C ALA C 116 -6.41 23.50 2.54
N GLY C 117 -6.21 24.46 3.45
CA GLY C 117 -5.74 24.13 4.79
C GLY C 117 -6.83 24.29 5.82
N GLY C 118 -7.39 25.49 5.91
CA GLY C 118 -8.45 25.77 6.86
C GLY C 118 -9.41 26.87 6.44
N GLU C 123 -4.41 27.56 13.97
CA GLU C 123 -5.85 27.74 14.18
C GLU C 123 -6.16 28.17 15.60
N GLU C 124 -6.72 29.36 15.74
CA GLU C 124 -7.08 29.91 17.04
C GLU C 124 -8.09 29.01 17.72
N LEU C 125 -9.20 28.76 17.04
CA LEU C 125 -10.26 27.92 17.58
C LEU C 125 -9.73 26.55 17.98
N LEU C 126 -8.93 25.94 17.10
CA LEU C 126 -8.37 24.64 17.39
C LEU C 126 -7.46 24.65 18.60
N ALA C 127 -6.90 25.81 18.91
CA ALA C 127 -5.98 25.91 20.03
C ALA C 127 -6.64 26.45 21.28
N GLN C 128 -7.70 27.22 21.09
CA GLN C 128 -8.43 27.82 22.19
C GLN C 128 -9.30 26.81 22.90
N SER C 129 -9.61 25.72 22.22
CA SER C 129 -10.48 24.72 22.81
C SER C 129 -9.76 23.39 23.01
N LEU C 130 -8.43 23.44 23.05
CA LEU C 130 -7.65 22.24 23.21
C LEU C 130 -6.90 22.23 24.52
N LYS C 131 -6.97 21.12 25.26
CA LYS C 131 -6.28 21.01 26.54
C LYS C 131 -4.77 21.20 26.39
N PRO C 132 -4.10 21.65 27.45
CA PRO C 132 -2.64 21.86 27.40
C PRO C 132 -1.95 20.54 27.07
N GLY C 133 -1.12 20.57 26.03
CA GLY C 133 -0.42 19.38 25.60
C GLY C 133 -1.38 18.45 24.89
N GLY C 134 -2.33 19.04 24.16
CA GLY C 134 -3.31 18.26 23.43
C GLY C 134 -2.83 18.03 22.01
N ILE C 135 -3.43 17.05 21.33
CA ILE C 135 -3.07 16.71 19.96
C ILE C 135 -3.91 17.51 18.98
N MSE C 136 -3.26 18.08 17.97
CA MSE C 136 -3.97 18.83 16.97
C MSE C 136 -3.82 18.16 15.62
O MSE C 136 -2.75 18.19 15.03
CB MSE C 136 -3.43 20.25 16.89
CG MSE C 136 -4.15 21.08 15.87
SE MSE C 136 -3.46 22.88 15.85
CE MSE C 136 -2.71 22.91 14.09
N LEU C 137 -4.89 17.54 15.14
CA LEU C 137 -4.85 16.86 13.85
C LEU C 137 -5.15 17.79 12.70
N ILE C 138 -4.19 17.93 11.79
CA ILE C 138 -4.39 18.81 10.66
C ILE C 138 -4.00 18.17 9.34
N GLY C 139 -4.94 18.19 8.41
CA GLY C 139 -4.67 17.63 7.10
C GLY C 139 -4.12 18.71 6.21
N GLU C 140 -2.93 18.50 5.68
CA GLU C 140 -2.36 19.48 4.79
C GLU C 140 -1.76 18.82 3.54
N PRO C 141 -1.67 19.60 2.44
CA PRO C 141 -1.11 19.10 1.17
C PRO C 141 0.37 19.45 1.15
N TYR C 142 1.12 18.77 0.28
CA TYR C 142 2.56 19.06 0.12
C TYR C 142 3.11 18.48 -1.16
N TRP C 143 4.40 18.71 -1.40
CA TRP C 143 5.06 18.20 -2.59
C TRP C 143 5.70 16.86 -2.27
N ARG C 144 5.12 15.80 -2.81
CA ARG C 144 5.63 14.46 -2.62
C ARG C 144 6.98 14.48 -3.29
N GLN C 145 7.01 15.10 -4.45
CA GLN C 145 8.21 15.22 -5.25
C GLN C 145 8.21 16.63 -5.83
N LEU C 146 9.12 17.46 -5.31
CA LEU C 146 9.26 18.83 -5.76
C LEU C 146 9.42 18.91 -7.27
N PRO C 147 8.43 19.51 -7.97
CA PRO C 147 8.58 19.60 -9.43
C PRO C 147 9.86 20.33 -9.81
N ALA C 148 10.50 19.84 -10.86
CA ALA C 148 11.76 20.40 -11.35
C ALA C 148 11.66 21.86 -11.80
N THR C 149 10.45 22.33 -12.08
CA THR C 149 10.27 23.71 -12.53
C THR C 149 8.81 24.20 -12.50
N GLU C 150 8.63 25.52 -12.48
CA GLU C 150 7.31 26.14 -12.47
C GLU C 150 6.45 25.57 -13.56
N GLU C 151 7.09 25.24 -14.68
CA GLU C 151 6.41 24.68 -15.84
C GLU C 151 5.56 23.49 -15.41
N ILE C 152 6.21 22.50 -14.81
CA ILE C 152 5.53 21.29 -14.34
C ILE C 152 4.49 21.61 -13.27
N ALA C 153 4.83 22.55 -12.40
CA ALA C 153 3.91 22.95 -11.33
C ALA C 153 2.64 23.57 -11.92
N GLN C 154 2.82 24.54 -12.81
CA GLN C 154 1.69 25.23 -13.44
C GLN C 154 0.80 24.26 -14.20
N ALA C 155 1.39 23.14 -14.63
CA ALA C 155 0.68 22.11 -15.35
C ALA C 155 -0.19 21.34 -14.38
N CYS C 156 0.35 21.05 -13.20
CA CYS C 156 -0.38 20.31 -12.18
C CYS C 156 -1.62 21.06 -11.73
N GLY C 157 -1.65 22.36 -11.99
CA GLY C 157 -2.78 23.18 -11.60
C GLY C 157 -2.39 24.03 -10.40
N VAL C 158 -1.19 24.57 -10.43
CA VAL C 158 -0.68 25.40 -9.34
C VAL C 158 0.20 26.55 -9.84
N SER C 159 -0.03 27.76 -9.34
CA SER C 159 0.73 28.93 -9.75
C SER C 159 2.21 28.67 -9.73
N SER C 160 2.79 28.69 -8.54
CA SER C 160 4.22 28.45 -8.43
C SER C 160 4.51 27.35 -7.41
N THR C 161 5.69 26.76 -7.52
CA THR C 161 6.11 25.71 -6.61
C THR C 161 6.03 26.24 -5.19
N SER C 162 6.23 27.55 -5.05
CA SER C 162 6.18 28.19 -3.76
C SER C 162 4.80 28.09 -3.10
N ASP C 163 3.80 27.63 -3.86
CA ASP C 163 2.44 27.49 -3.34
C ASP C 163 2.36 26.39 -2.30
N PHE C 164 2.99 25.25 -2.58
CA PHE C 164 3.00 24.13 -1.65
C PHE C 164 4.36 23.98 -1.01
N LEU C 165 4.36 23.43 0.19
CA LEU C 165 5.59 23.23 0.92
C LEU C 165 5.99 21.75 0.79
N THR C 166 7.27 21.49 0.64
CA THR C 166 7.74 20.12 0.53
C THR C 166 7.52 19.41 1.86
N LEU C 167 7.48 18.08 1.87
CA LEU C 167 7.26 17.33 3.11
C LEU C 167 8.24 17.73 4.20
N PRO C 168 9.56 17.69 3.91
CA PRO C 168 10.53 18.07 4.93
C PRO C 168 10.40 19.53 5.31
N GLY C 169 9.91 20.34 4.38
CA GLY C 169 9.73 21.75 4.64
C GLY C 169 8.44 22.01 5.40
N LEU C 170 7.55 21.03 5.34
CA LEU C 170 6.28 21.14 6.02
C LEU C 170 6.51 20.82 7.49
N VAL C 171 7.33 19.83 7.78
CA VAL C 171 7.61 19.45 9.16
C VAL C 171 8.52 20.50 9.76
N GLY C 172 9.19 21.26 8.89
CA GLY C 172 10.09 22.29 9.34
C GLY C 172 9.24 23.51 9.69
N ALA C 173 8.10 23.63 9.02
CA ALA C 173 7.21 24.75 9.28
C ALA C 173 6.49 24.57 10.60
N PHE C 174 6.10 23.34 10.93
CA PHE C 174 5.40 23.12 12.19
C PHE C 174 6.30 23.37 13.38
N ASP C 175 7.55 22.92 13.28
CA ASP C 175 8.51 23.11 14.36
C ASP C 175 8.74 24.61 14.63
N ASP C 176 9.01 25.38 13.58
CA ASP C 176 9.23 26.82 13.73
C ASP C 176 8.00 27.55 14.28
N LEU C 177 6.87 26.86 14.32
CA LEU C 177 5.65 27.44 14.84
C LEU C 177 5.42 26.93 16.27
N GLY C 178 6.49 26.43 16.89
CA GLY C 178 6.40 25.92 18.25
C GLY C 178 5.70 24.58 18.40
N TYR C 179 5.33 23.97 17.27
CA TYR C 179 4.62 22.70 17.28
C TYR C 179 5.51 21.46 17.23
N ASP C 180 5.21 20.55 18.15
CA ASP C 180 5.93 19.31 18.30
C ASP C 180 5.23 18.11 17.63
N VAL C 181 5.47 17.87 16.34
CA VAL C 181 4.83 16.76 15.62
C VAL C 181 5.15 15.37 16.22
N VAL C 182 4.11 14.67 16.66
CA VAL C 182 4.27 13.36 17.30
C VAL C 182 3.60 12.20 16.58
N GLU C 183 3.12 12.46 15.37
CA GLU C 183 2.49 11.42 14.61
C GLU C 183 2.32 11.87 13.17
N MSE C 184 2.19 10.90 12.27
CA MSE C 184 2.07 11.27 10.87
C MSE C 184 1.55 10.13 10.01
O MSE C 184 2.13 9.06 9.95
CB MSE C 184 3.43 11.73 10.39
CG MSE C 184 3.51 12.23 8.97
SE MSE C 184 5.38 12.54 8.53
CE MSE C 184 5.90 10.71 8.20
N VAL C 185 0.44 10.38 9.34
CA VAL C 185 -0.14 9.40 8.46
C VAL C 185 -0.23 10.04 7.08
N LEU C 186 0.62 9.59 6.16
CA LEU C 186 0.67 10.13 4.81
C LEU C 186 -0.09 9.26 3.82
N ALA C 187 -0.70 9.86 2.80
CA ALA C 187 -1.44 9.06 1.82
C ALA C 187 -0.46 8.46 0.80
N ASP C 188 -0.89 7.43 0.06
CA ASP C 188 -0.04 6.82 -0.97
C ASP C 188 -0.68 6.87 -2.36
N GLN C 189 0.13 6.64 -3.39
CA GLN C 189 -0.34 6.63 -4.78
C GLN C 189 -1.74 6.03 -4.88
N GLU C 190 -1.89 4.83 -4.31
CA GLU C 190 -3.16 4.13 -4.32
C GLU C 190 -4.26 5.04 -3.82
N GLY C 191 -4.04 5.62 -2.65
CA GLY C 191 -5.02 6.51 -2.08
C GLY C 191 -5.35 7.58 -3.09
N TRP C 192 -4.34 8.17 -3.71
CA TRP C 192 -4.57 9.22 -4.70
C TRP C 192 -5.33 8.76 -5.93
N ASP C 193 -4.90 7.65 -6.53
CA ASP C 193 -5.57 7.14 -7.71
C ASP C 193 -7.05 6.98 -7.43
N ARG C 194 -7.38 6.39 -6.29
CA ARG C 194 -8.77 6.19 -5.98
C ARG C 194 -9.47 7.54 -6.01
N TYR C 195 -8.86 8.54 -5.41
CA TYR C 195 -9.43 9.87 -5.36
C TYR C 195 -9.52 10.56 -6.71
N GLU C 196 -8.45 10.56 -7.46
CA GLU C 196 -8.43 11.20 -8.75
C GLU C 196 -9.18 10.42 -9.83
N ALA C 197 -9.00 9.12 -9.85
CA ALA C 197 -9.66 8.33 -10.87
C ALA C 197 -11.17 8.29 -10.71
N ALA C 198 -11.65 8.19 -9.48
CA ALA C 198 -13.09 8.13 -9.23
C ALA C 198 -13.84 9.25 -9.94
N LYS C 199 -13.13 10.34 -10.22
CA LYS C 199 -13.71 11.49 -10.91
C LYS C 199 -14.01 11.19 -12.37
N TRP C 200 -13.04 10.60 -13.05
CA TRP C 200 -13.21 10.33 -14.47
C TRP C 200 -14.48 9.60 -14.82
N LEU C 201 -14.85 8.61 -14.01
CA LEU C 201 -16.06 7.86 -14.26
C LEU C 201 -17.28 8.72 -13.93
N THR C 202 -17.19 9.46 -12.83
CA THR C 202 -18.30 10.30 -12.41
C THR C 202 -18.65 11.33 -13.49
N MSE C 203 -17.64 11.95 -14.10
CA MSE C 203 -17.89 12.92 -15.16
C MSE C 203 -18.48 12.21 -16.37
O MSE C 203 -19.46 12.68 -16.94
CB MSE C 203 -16.59 13.64 -15.55
CG MSE C 203 -16.10 14.62 -14.49
SE MSE C 203 -14.53 15.67 -15.03
CE MSE C 203 -13.27 14.23 -15.38
N ARG C 204 -17.91 11.07 -16.75
CA ARG C 204 -18.42 10.34 -17.90
C ARG C 204 -19.86 9.90 -17.71
N ARG C 205 -20.30 9.73 -16.46
CA ARG C 205 -21.68 9.34 -16.24
C ARG C 205 -22.51 10.59 -16.34
N TRP C 206 -22.04 11.67 -15.73
CA TRP C 206 -22.78 12.92 -15.78
C TRP C 206 -23.18 13.27 -17.21
N LEU C 207 -22.25 13.04 -18.14
CA LEU C 207 -22.50 13.34 -19.55
C LEU C 207 -23.60 12.46 -20.12
N GLU C 208 -23.66 11.21 -19.67
CA GLU C 208 -24.69 10.29 -20.14
C GLU C 208 -25.97 10.55 -19.37
N ALA C 209 -25.93 11.49 -18.44
CA ALA C 209 -27.12 11.80 -17.65
C ALA C 209 -27.72 13.12 -18.08
N ASN C 210 -26.88 14.04 -18.56
CA ASN C 210 -27.36 15.34 -18.97
C ASN C 210 -26.68 15.73 -20.27
N PRO C 211 -27.08 15.08 -21.37
CA PRO C 211 -26.51 15.36 -22.69
C PRO C 211 -26.95 16.70 -23.29
N ASP C 212 -28.13 17.15 -22.90
CA ASP C 212 -28.69 18.40 -23.41
C ASP C 212 -28.22 19.63 -22.63
N ASP C 213 -27.58 19.40 -21.49
CA ASP C 213 -27.09 20.50 -20.67
C ASP C 213 -25.87 21.14 -21.35
N ASP C 214 -25.92 22.44 -21.64
CA ASP C 214 -24.81 23.13 -22.30
C ASP C 214 -23.49 23.09 -21.51
N PHE C 215 -23.51 22.49 -20.32
CA PHE C 215 -22.30 22.41 -19.53
C PHE C 215 -21.49 21.14 -19.91
N ALA C 216 -22.11 20.23 -20.66
CA ALA C 216 -21.45 18.99 -21.08
C ALA C 216 -20.10 19.28 -21.73
N ALA C 217 -19.98 20.49 -22.24
CA ALA C 217 -18.75 20.89 -22.89
C ALA C 217 -17.62 21.03 -21.87
N GLU C 218 -17.89 21.77 -20.79
CA GLU C 218 -16.87 21.95 -19.77
C GLU C 218 -16.49 20.62 -19.12
N VAL C 219 -17.45 19.71 -19.03
CA VAL C 219 -17.17 18.40 -18.44
C VAL C 219 -16.33 17.60 -19.44
N ARG C 220 -16.79 17.57 -20.69
CA ARG C 220 -16.09 16.87 -21.78
C ARG C 220 -14.64 17.33 -21.83
N ALA C 221 -14.42 18.63 -21.74
CA ALA C 221 -13.06 19.17 -21.78
C ALA C 221 -12.25 18.65 -20.61
N GLU C 222 -12.82 18.77 -19.41
CA GLU C 222 -12.19 18.34 -18.17
C GLU C 222 -11.82 16.88 -18.24
N LEU C 223 -12.76 16.06 -18.68
CA LEU C 223 -12.55 14.62 -18.80
C LEU C 223 -11.42 14.33 -19.78
N ASN C 224 -11.44 14.97 -20.94
CA ASN C 224 -10.41 14.75 -21.96
C ASN C 224 -8.98 14.98 -21.46
N ILE C 225 -8.79 15.77 -20.41
CA ILE C 225 -7.44 16.01 -19.92
C ILE C 225 -7.19 15.55 -18.50
N ALA C 226 -8.26 15.26 -17.79
CA ALA C 226 -8.18 14.83 -16.41
C ALA C 226 -7.22 13.69 -16.19
N PRO C 227 -7.41 12.57 -16.90
CA PRO C 227 -6.50 11.44 -16.71
C PRO C 227 -5.10 11.72 -17.27
N LYS C 228 -5.03 12.53 -18.31
CA LYS C 228 -3.74 12.86 -18.88
C LYS C 228 -2.94 13.74 -17.89
N ARG C 229 -3.55 14.82 -17.43
CA ARG C 229 -2.91 15.74 -16.50
C ARG C 229 -2.45 15.06 -15.22
N TYR C 230 -3.18 14.04 -14.80
CA TYR C 230 -2.83 13.34 -13.58
C TYR C 230 -1.61 12.45 -13.72
N VAL C 231 -1.66 11.50 -14.64
CA VAL C 231 -0.55 10.55 -14.84
C VAL C 231 0.75 11.20 -15.27
N THR C 232 0.65 12.27 -16.05
CA THR C 232 1.81 12.98 -16.55
C THR C 232 2.52 13.80 -15.48
N TYR C 233 1.80 14.49 -14.59
CA TYR C 233 2.56 15.23 -13.57
C TYR C 233 2.13 15.02 -12.14
N ALA C 234 0.91 15.43 -11.87
CA ALA C 234 0.29 15.36 -10.56
C ALA C 234 0.54 14.10 -9.72
N ARG C 235 0.33 12.95 -10.33
CA ARG C 235 0.47 11.70 -9.60
C ARG C 235 1.73 11.61 -8.79
N GLU C 236 2.84 12.01 -9.38
CA GLU C 236 4.10 11.90 -8.68
C GLU C 236 4.43 13.12 -7.80
N CYS C 237 3.84 14.25 -8.12
CA CYS C 237 4.09 15.49 -7.40
C CYS C 237 3.24 15.73 -6.15
N PHE C 238 1.94 15.81 -6.37
CA PHE C 238 0.97 16.04 -5.29
C PHE C 238 1.11 15.02 -4.18
N GLY C 239 1.08 15.52 -2.94
CA GLY C 239 1.18 14.69 -1.76
C GLY C 239 0.25 15.25 -0.71
N TRP C 240 -0.27 14.38 0.16
CA TRP C 240 -1.20 14.81 1.22
C TRP C 240 -0.96 14.01 2.48
N GLY C 241 -1.62 14.37 3.57
CA GLY C 241 -1.41 13.63 4.79
C GLY C 241 -1.92 14.35 6.01
N VAL C 242 -2.05 13.62 7.10
CA VAL C 242 -2.56 14.19 8.34
C VAL C 242 -1.53 14.16 9.43
N PHE C 243 -1.21 15.33 9.97
CA PHE C 243 -0.22 15.41 11.04
C PHE C 243 -0.84 15.67 12.39
N ALA C 244 -0.32 14.99 13.40
CA ALA C 244 -0.79 15.13 14.78
C ALA C 244 0.22 16.01 15.52
N LEU C 245 -0.10 17.28 15.72
CA LEU C 245 0.83 18.17 16.43
C LEU C 245 0.50 18.34 17.91
N ILE C 246 1.52 18.69 18.68
CA ILE C 246 1.34 18.97 20.10
C ILE C 246 2.25 20.12 20.45
N ALA C 247 1.67 21.31 20.46
CA ALA C 247 2.37 22.55 20.75
C ALA C 247 3.25 22.54 22.00
N ARG C 248 4.46 23.09 21.87
CA ARG C 248 5.36 23.18 23.01
C ARG C 248 4.88 24.37 23.84
N LEU C 249 4.54 24.01 25.07
CA LEU C 249 4.08 25.00 26.03
C LEU C 249 5.07 25.21 27.16
N GLU C 250 5.29 26.48 27.51
CA GLU C 250 6.18 26.87 28.59
C GLU C 250 5.38 26.80 29.88
N HIS C 251 5.99 26.25 31.09
CA HIS C 251 5.32 26.01 32.37
C HIS C 251 5.86 26.92 33.46
N HIS C 252 5.28 26.82 34.65
CA HIS C 252 5.73 27.64 35.76
C HIS C 252 7.09 27.13 36.23
N HIS C 253 8.10 27.98 36.16
CA HIS C 253 9.44 27.62 36.59
C HIS C 253 10.08 28.77 37.34
#